data_8JL0
#
_entry.id   8JL0
#
_cell.length_a   1.00
_cell.length_b   1.00
_cell.length_c   1.00
_cell.angle_alpha   90.00
_cell.angle_beta   90.00
_cell.angle_gamma   90.00
#
_symmetry.space_group_name_H-M   'P 1'
#
loop_
_entity.id
_entity.type
_entity.pdbx_description
1 polymer 'Sir2 superfamily protein'
2 polymer 'Piwi domain protein'
3 polymer "DNA (5'-D(P*AP*CP*GP*AP*CP*GP*TP*CP*TP*AP*AP*GP*AP*AP*AP*CP*CP*AP*TP*TP*AP*T)-3')"
4 polymer "RNA (5'-R(P*AP*UP*AP*AP*UP*GP*GP*UP*UP*UP*CP*UP*UP*AP*GP*AP*CP*GP*UP*CP*GP*U)-3')"
5 non-polymer NICOTINAMIDE-ADENINE-DINUCLEOTIDE
#
loop_
_entity_poly.entity_id
_entity_poly.type
_entity_poly.pdbx_seq_one_letter_code
_entity_poly.pdbx_strand_id
1 'polypeptide(L)'
;MDVLTDNEFYQHYLQNSQHMMWFLGAGTSRSAGLPTASDIIWDLKHRYYCLHENQDYQKHDINNHAIKSKIQSYMDSKGF
PLQWSPEEYSFYFELVFRDDYEAQRKYLLEALASRKVSLNIGHRVLAALLEMNQTKVVFTTNFDDVIETAFSDISGKHLS
VYHLEGSYAALSALNTEAFPIYAKIHGDFRYQKIKNLTPDLQTNDREIHKCFLAAAIRFGLVVSGYSGRDENVMTMLRAA
IDQNNAFPHGLYWTVPSISKSEPAVQDLITYAQGKGVRAYLVETGTFDEMLSKIWRQVKDKPAAIDAKVRTARVCPVSIP
LPGPGKSFPALRTNALPVVTQSIRCGVVTLASPITFSELKERISQKSPKALLTYTEKVLFLGGEPEIRKIFSNDEINSIG
QYYIDEIAQSVAASTFLKSFVEEAILTALLREKPILHRVRHRTHYAVIPNASAKDDRFLDLRKAVGFKGDLGYITGNVTN
AKELSWAEAVSIRLEERGGKLWIMLKPEIWIKPLDRREEATDFIRSRRRYRFNQCSYQILDAWIKILFGSIGGGGTVNIS
CFPDAEFKAEFEIGTRTAFSLGVGYG
;
A
2 'polypeptide(L)'
;MADNLSQLAAHSTIPEPLLLFKDNRTDTHPLRGLSQYGPYSACFNLPGQVRLAYLAPTEHMRKLDAIVRELQNPATPKEA
TNYYVEYGGFEKVFKVPLVMPQEHLRCLALDECHGVAANGNGLALADKIVQSMSGLFRQKHAFDVLLVYLPASWKKCFEY
DGFDLHDRIKAKVAPLNLPIQIINDTALTRQCRANVMWGVSVALYAKAGGIPWKLADWDKDEAYIGLSYAIKKNAEGQEY
TTCCSQVFDPDGTGFEFVAYDTREFITDRKGNPYLSYQEMQSVLSKSLHLYQSSHNGRMPRKIFIHKTTHFTEDEIQGAF
DSFSSSTEIELVQIIQSTNWYGLKVDGKKGDKPVAPASYPVDRGLYQPLTESECLLWTQGSVMGVNQQNPGQPVFKEAAL
TPLPNPIMLRRFSGNGGWHATCSSILALTKVDWNNNTLYKKLPVTLVYSQVFADVVKQTPEIVNEIYDYRFFM
;
B
3 'polydeoxyribonucleotide'
;(DA)(DC)(DG)(DA)(DC)(DG)(DT)(DC)(DT)(DA)(DA)(DG)(DA)(DA)(DA)(DC)(DC)(DA)(DT)(DT)
(DA)(DT)
;
D
4 'polyribonucleotide' AUAAUGGUUUCUUAGACGUCGU C
#
loop_
_chem_comp.id
_chem_comp.type
_chem_comp.name
_chem_comp.formula
A RNA linking ADENOSINE-5'-MONOPHOSPHATE 'C10 H14 N5 O7 P'
C RNA linking CYTIDINE-5'-MONOPHOSPHATE 'C9 H14 N3 O8 P'
DA DNA linking 2'-DEOXYADENOSINE-5'-MONOPHOSPHATE 'C10 H14 N5 O6 P'
DC DNA linking 2'-DEOXYCYTIDINE-5'-MONOPHOSPHATE 'C9 H14 N3 O7 P'
DG DNA linking 2'-DEOXYGUANOSINE-5'-MONOPHOSPHATE 'C10 H14 N5 O7 P'
DT DNA linking THYMIDINE-5'-MONOPHOSPHATE 'C10 H15 N2 O8 P'
G RNA linking GUANOSINE-5'-MONOPHOSPHATE 'C10 H14 N5 O8 P'
NAD non-polymer NICOTINAMIDE-ADENINE-DINUCLEOTIDE 'C21 H27 N7 O14 P2'
U RNA linking URIDINE-5'-MONOPHOSPHATE 'C9 H13 N2 O9 P'
#
# COMPACT_ATOMS: atom_id res chain seq x y z
N MET A 1 -29.39 -23.22 12.88
CA MET A 1 -28.67 -23.54 11.65
C MET A 1 -29.21 -22.69 10.50
N ASP A 2 -30.44 -22.24 10.62
CA ASP A 2 -31.07 -21.42 9.59
C ASP A 2 -30.43 -20.04 9.59
N VAL A 3 -29.42 -19.85 8.74
CA VAL A 3 -28.72 -18.58 8.62
C VAL A 3 -28.72 -18.18 7.15
N LEU A 4 -29.20 -16.98 6.88
CA LEU A 4 -29.29 -16.51 5.50
C LEU A 4 -27.92 -16.09 4.99
N THR A 5 -27.83 -15.96 3.67
CA THR A 5 -26.60 -15.59 2.99
C THR A 5 -26.57 -14.08 2.75
N ASP A 6 -25.38 -13.58 2.44
CA ASP A 6 -25.22 -12.16 2.15
C ASP A 6 -26.07 -11.74 0.96
N ASN A 7 -26.01 -12.51 -0.13
CA ASN A 7 -26.76 -12.17 -1.32
C ASN A 7 -28.25 -12.46 -1.15
N GLU A 8 -28.59 -13.46 -0.32
CA GLU A 8 -30.01 -13.79 -0.15
C GLU A 8 -30.75 -12.72 0.66
N PHE A 9 -30.05 -11.99 1.52
CA PHE A 9 -30.61 -10.80 2.15
C PHE A 9 -30.27 -9.54 1.36
N TYR A 10 -30.47 -9.60 0.05
CA TYR A 10 -30.45 -8.39 -0.76
C TYR A 10 -31.55 -8.35 -1.80
N GLN A 11 -32.10 -9.49 -2.22
CA GLN A 11 -33.25 -9.51 -3.09
C GLN A 11 -34.55 -9.40 -2.32
N HIS A 12 -34.60 -9.97 -1.10
CA HIS A 12 -35.79 -9.81 -0.27
C HIS A 12 -36.01 -8.36 0.13
N TYR A 13 -34.93 -7.66 0.50
CA TYR A 13 -35.08 -6.23 0.79
C TYR A 13 -35.37 -5.43 -0.46
N LEU A 14 -34.94 -5.93 -1.63
CA LEU A 14 -35.23 -5.24 -2.88
C LEU A 14 -36.71 -5.34 -3.22
N GLN A 15 -37.29 -6.54 -3.09
CA GLN A 15 -38.70 -6.73 -3.41
C GLN A 15 -39.59 -5.91 -2.50
N ASN A 16 -39.57 -6.20 -1.20
CA ASN A 16 -40.40 -5.52 -0.21
C ASN A 16 -39.50 -4.71 0.71
N SER A 17 -39.50 -3.40 0.54
CA SER A 17 -38.75 -2.49 1.40
C SER A 17 -39.63 -1.53 2.16
N GLN A 18 -40.90 -1.40 1.80
CA GLN A 18 -41.80 -0.52 2.54
C GLN A 18 -42.24 -1.12 3.87
N HIS A 19 -42.34 -2.45 3.94
CA HIS A 19 -42.71 -3.13 5.18
C HIS A 19 -41.46 -3.55 5.97
N MET A 20 -40.61 -2.57 6.24
CA MET A 20 -39.35 -2.83 6.94
C MET A 20 -39.11 -1.75 7.99
N MET A 21 -38.83 -2.19 9.22
CA MET A 21 -38.43 -1.30 10.30
C MET A 21 -36.99 -1.59 10.69
N TRP A 22 -36.34 -0.59 11.25
CA TRP A 22 -34.94 -0.70 11.64
C TRP A 22 -34.79 -0.49 13.14
N PHE A 23 -33.80 -1.14 13.73
CA PHE A 23 -33.42 -0.94 15.12
C PHE A 23 -31.91 -0.72 15.15
N LEU A 24 -31.49 0.54 15.14
CA LEU A 24 -30.08 0.87 15.11
C LEU A 24 -29.44 0.66 16.48
N GLY A 25 -28.13 0.84 16.54
CA GLY A 25 -27.38 0.69 17.77
C GLY A 25 -26.20 1.63 17.82
N ALA A 26 -25.23 1.33 18.70
CA ALA A 26 -24.05 2.18 18.81
C ALA A 26 -23.09 1.98 17.65
N GLY A 27 -22.96 0.74 17.18
CA GLY A 27 -22.03 0.46 16.09
C GLY A 27 -22.33 1.26 14.84
N THR A 28 -23.61 1.46 14.53
CA THR A 28 -23.99 2.25 13.36
C THR A 28 -23.48 3.68 13.45
N SER A 29 -23.26 4.20 14.66
CA SER A 29 -22.71 5.54 14.81
C SER A 29 -21.19 5.56 14.90
N ARG A 30 -20.56 4.39 14.96
CA ARG A 30 -19.12 4.32 15.16
C ARG A 30 -18.36 5.03 14.05
N SER A 31 -18.78 4.82 12.80
CA SER A 31 -18.12 5.45 11.67
C SER A 31 -18.33 6.96 11.62
N ALA A 32 -19.23 7.49 12.44
CA ALA A 32 -19.45 8.93 12.50
C ALA A 32 -18.47 9.65 13.42
N GLY A 33 -17.66 8.90 14.17
CA GLY A 33 -16.70 9.47 15.09
C GLY A 33 -17.00 9.22 16.56
N LEU A 34 -18.24 8.85 16.88
CA LEU A 34 -18.63 8.63 18.27
C LEU A 34 -18.26 7.21 18.68
N PRO A 35 -17.43 7.03 19.71
CA PRO A 35 -17.04 5.68 20.13
C PRO A 35 -18.23 4.90 20.68
N THR A 36 -18.16 3.58 20.51
CA THR A 36 -19.23 2.70 20.95
C THR A 36 -19.06 2.38 22.44
N ALA A 37 -19.86 1.44 22.93
CA ALA A 37 -19.78 1.07 24.35
C ALA A 37 -18.44 0.43 24.69
N SER A 38 -17.93 -0.43 23.80
CA SER A 38 -16.69 -1.15 24.09
C SER A 38 -15.50 -0.19 24.13
N ASP A 39 -15.49 0.81 23.25
CA ASP A 39 -14.41 1.79 23.26
C ASP A 39 -14.37 2.58 24.56
N ILE A 40 -15.55 2.91 25.10
CA ILE A 40 -15.62 3.57 26.40
C ILE A 40 -15.20 2.59 27.50
N ILE A 41 -15.57 1.32 27.37
CA ILE A 41 -15.22 0.33 28.38
C ILE A 41 -13.71 0.21 28.50
N TRP A 42 -13.02 0.11 27.37
CA TRP A 42 -11.56 0.04 27.41
C TRP A 42 -10.95 1.33 27.92
N ASP A 43 -11.58 2.47 27.61
CA ASP A 43 -11.10 3.75 28.13
C ASP A 43 -11.22 3.81 29.64
N LEU A 44 -12.39 3.45 30.18
CA LEU A 44 -12.59 3.48 31.63
C LEU A 44 -11.70 2.46 32.32
N LYS A 45 -11.54 1.27 31.72
CA LYS A 45 -10.67 0.26 32.31
C LYS A 45 -9.22 0.73 32.29
N HIS A 46 -8.78 1.36 31.20
CA HIS A 46 -7.43 1.92 31.16
C HIS A 46 -7.29 3.08 32.14
N ARG A 47 -8.34 3.89 32.28
CA ARG A 47 -8.31 4.97 33.27
C ARG A 47 -8.21 4.43 34.69
N TYR A 48 -8.91 3.33 34.97
CA TYR A 48 -8.77 2.68 36.27
C TYR A 48 -7.37 2.12 36.46
N TYR A 49 -6.72 1.68 35.37
CA TYR A 49 -5.35 1.21 35.45
C TYR A 49 -4.36 2.35 35.67
N CYS A 50 -4.72 3.57 35.30
CA CYS A 50 -3.86 4.74 35.42
C CYS A 50 -2.53 4.54 34.69
N ILE A 62 -3.51 9.02 25.75
CA ILE A 62 -2.31 8.98 24.92
C ILE A 62 -1.49 7.73 25.24
N ASN A 63 -1.89 7.02 26.30
CA ASN A 63 -1.17 5.81 26.69
C ASN A 63 -1.32 4.75 25.60
N ASN A 64 -0.27 3.94 25.46
CA ASN A 64 -0.23 2.93 24.41
C ASN A 64 -1.33 1.89 24.61
N HIS A 65 -1.90 1.45 23.51
CA HIS A 65 -2.87 0.36 23.51
C HIS A 65 -2.22 -1.00 23.32
N ALA A 66 -0.90 -1.07 23.42
CA ALA A 66 -0.17 -2.31 23.22
C ALA A 66 -0.05 -3.15 24.49
N ILE A 67 -0.59 -2.68 25.62
CA ILE A 67 -0.52 -3.42 26.87
C ILE A 67 -1.91 -3.93 27.24
N LYS A 68 -2.75 -4.14 26.21
CA LYS A 68 -4.12 -4.59 26.47
C LYS A 68 -4.16 -5.94 27.18
N SER A 69 -3.31 -6.88 26.74
CA SER A 69 -3.37 -8.23 27.28
C SER A 69 -3.01 -8.27 28.76
N LYS A 70 -2.01 -7.47 29.18
CA LYS A 70 -1.60 -7.50 30.57
C LYS A 70 -2.69 -6.95 31.48
N ILE A 71 -3.29 -5.82 31.12
CA ILE A 71 -4.35 -5.26 31.94
C ILE A 71 -5.58 -6.16 31.91
N GLN A 72 -5.84 -6.83 30.78
CA GLN A 72 -6.96 -7.78 30.72
C GLN A 72 -6.71 -8.96 31.65
N SER A 73 -5.48 -9.48 31.67
CA SER A 73 -5.15 -10.57 32.58
C SER A 73 -5.27 -10.14 34.03
N TYR A 74 -4.86 -8.91 34.33
CA TYR A 74 -4.99 -8.42 35.70
C TYR A 74 -6.46 -8.25 36.09
N MET A 75 -7.30 -7.83 35.13
CA MET A 75 -8.74 -7.86 35.35
C MET A 75 -9.22 -9.28 35.66
N ASP A 76 -8.76 -10.25 34.87
CA ASP A 76 -9.20 -11.63 35.03
C ASP A 76 -8.79 -12.18 36.39
N SER A 77 -7.61 -11.77 36.89
CA SER A 77 -7.11 -12.28 38.16
C SER A 77 -8.03 -11.90 39.31
N LYS A 78 -8.51 -10.66 39.33
CA LYS A 78 -9.35 -10.21 40.45
C LYS A 78 -10.71 -10.89 40.43
N GLY A 79 -11.25 -11.19 39.26
CA GLY A 79 -12.53 -11.86 39.17
C GLY A 79 -13.63 -10.99 38.61
N PHE A 80 -13.28 -10.05 37.73
CA PHE A 80 -14.27 -9.22 37.09
C PHE A 80 -15.17 -10.08 36.19
N PRO A 81 -16.44 -9.64 35.98
CA PRO A 81 -17.45 -10.55 35.41
C PRO A 81 -16.99 -11.40 34.24
N LEU A 82 -16.59 -10.77 33.14
CA LEU A 82 -16.02 -11.44 31.97
C LEU A 82 -15.71 -10.38 30.91
N GLN A 83 -14.94 -10.77 29.91
CA GLN A 83 -14.70 -9.92 28.76
C GLN A 83 -15.81 -10.13 27.74
N TRP A 84 -16.32 -9.02 27.18
CA TRP A 84 -17.44 -8.98 26.26
C TRP A 84 -18.76 -9.38 26.91
N SER A 85 -18.79 -9.59 28.22
CA SER A 85 -20.03 -9.95 28.88
C SER A 85 -20.94 -8.72 28.99
N PRO A 86 -22.25 -8.91 28.88
CA PRO A 86 -23.16 -7.75 28.99
C PRO A 86 -23.34 -7.27 30.41
N GLU A 87 -22.22 -7.04 31.11
CA GLU A 87 -22.23 -6.47 32.44
C GLU A 87 -21.17 -5.41 32.67
N GLU A 88 -20.22 -5.23 31.74
CA GLU A 88 -19.07 -4.37 32.00
C GLU A 88 -19.45 -2.90 32.03
N TYR A 89 -20.44 -2.48 31.22
CA TYR A 89 -20.75 -1.06 31.08
C TYR A 89 -21.07 -0.42 32.43
N SER A 90 -22.16 -0.88 33.06
CA SER A 90 -22.59 -0.29 34.33
C SER A 90 -21.54 -0.50 35.41
N PHE A 91 -20.94 -1.69 35.46
CA PHE A 91 -19.99 -2.01 36.52
C PHE A 91 -18.81 -1.06 36.47
N TYR A 92 -18.21 -0.90 35.29
CA TYR A 92 -17.03 -0.04 35.20
C TYR A 92 -17.38 1.43 35.34
N PHE A 93 -18.56 1.85 34.86
CA PHE A 93 -18.98 3.23 35.10
C PHE A 93 -19.10 3.53 36.58
N GLU A 94 -19.77 2.63 37.32
CA GLU A 94 -19.89 2.82 38.77
C GLU A 94 -18.52 2.79 39.45
N LEU A 95 -17.66 1.85 39.04
CA LEU A 95 -16.36 1.71 39.69
C LEU A 95 -15.52 2.96 39.49
N VAL A 96 -15.50 3.50 38.27
CA VAL A 96 -14.64 4.66 38.00
C VAL A 96 -15.22 5.92 38.62
N PHE A 97 -16.53 6.14 38.46
CA PHE A 97 -17.13 7.41 38.89
C PHE A 97 -17.87 7.33 40.22
N ARG A 98 -17.77 6.20 40.93
CA ARG A 98 -18.41 6.04 42.25
C ARG A 98 -19.89 6.40 42.19
N ASP A 99 -20.27 7.47 42.90
CA ASP A 99 -21.63 7.99 42.88
C ASP A 99 -21.68 9.41 42.32
N ASP A 100 -20.61 9.87 41.68
CA ASP A 100 -20.56 11.23 41.16
C ASP A 100 -21.45 11.37 39.92
N TYR A 101 -22.69 11.81 40.12
CA TYR A 101 -23.63 11.93 39.02
C TYR A 101 -23.22 13.03 38.06
N GLU A 102 -22.83 14.19 38.58
CA GLU A 102 -22.45 15.31 37.72
C GLU A 102 -21.21 14.99 36.90
N ALA A 103 -20.21 14.37 37.53
CA ALA A 103 -19.01 13.98 36.78
C ALA A 103 -19.35 12.92 35.73
N GLN A 104 -20.27 12.01 36.04
CA GLN A 104 -20.71 11.01 35.07
C GLN A 104 -21.35 11.68 33.86
N ARG A 105 -22.23 12.64 34.09
CA ARG A 105 -22.83 13.37 32.97
C ARG A 105 -21.78 14.13 32.18
N LYS A 106 -20.84 14.76 32.87
CA LYS A 106 -19.79 15.51 32.18
C LYS A 106 -18.95 14.60 31.30
N TYR A 107 -18.63 13.41 31.78
CA TYR A 107 -17.86 12.45 30.99
C TYR A 107 -18.65 11.96 29.79
N LEU A 108 -19.90 11.52 30.01
CA LEU A 108 -20.69 10.95 28.93
C LEU A 108 -21.15 12.00 27.93
N LEU A 109 -21.13 13.27 28.30
CA LEU A 109 -21.47 14.35 27.39
C LEU A 109 -20.26 14.88 26.63
N GLU A 110 -19.07 14.40 26.94
CA GLU A 110 -17.84 14.83 26.25
C GLU A 110 -17.36 13.84 25.21
N ALA A 111 -17.52 12.55 25.46
CA ALA A 111 -17.15 11.52 24.49
C ALA A 111 -18.27 11.19 23.53
N LEU A 112 -19.48 11.68 23.79
CA LEU A 112 -20.61 11.46 22.84
C LEU A 112 -21.14 12.82 22.42
N ALA A 113 -20.27 13.83 22.45
CA ALA A 113 -20.67 15.21 22.08
C ALA A 113 -20.71 15.35 20.56
N SER A 114 -21.20 16.49 20.05
CA SER A 114 -21.16 16.74 18.59
C SER A 114 -19.72 17.08 18.20
N ARG A 115 -18.77 16.28 18.68
CA ARG A 115 -17.33 16.51 18.39
C ARG A 115 -17.09 16.29 16.89
N LYS A 116 -16.54 15.13 16.53
CA LYS A 116 -16.34 14.81 15.10
C LYS A 116 -17.74 14.72 14.47
N VAL A 117 -18.68 14.09 15.17
CA VAL A 117 -20.05 13.93 14.64
C VAL A 117 -20.06 14.27 13.15
N SER A 118 -19.27 13.54 12.34
CA SER A 118 -19.26 13.75 10.87
C SER A 118 -20.01 12.60 10.21
N LEU A 119 -20.91 12.90 9.27
CA LEU A 119 -21.75 11.85 8.65
C LEU A 119 -20.92 10.96 7.72
N ASN A 120 -21.38 9.74 7.47
CA ASN A 120 -20.70 8.81 6.54
C ASN A 120 -21.70 8.44 5.45
N ILE A 121 -21.41 7.44 4.63
CA ILE A 121 -22.31 7.08 3.53
C ILE A 121 -23.57 6.42 4.06
N GLY A 122 -23.44 5.56 5.07
CA GLY A 122 -24.60 4.84 5.58
C GLY A 122 -25.64 5.76 6.21
N HIS A 123 -25.18 6.75 6.97
CA HIS A 123 -26.11 7.68 7.59
C HIS A 123 -26.86 8.51 6.55
N ARG A 124 -26.14 8.96 5.51
CA ARG A 124 -26.79 9.70 4.44
C ARG A 124 -27.78 8.83 3.68
N VAL A 125 -27.44 7.56 3.43
CA VAL A 125 -28.37 6.67 2.75
C VAL A 125 -29.62 6.46 3.58
N LEU A 126 -29.46 6.28 4.89
CA LEU A 126 -30.62 6.09 5.76
C LEU A 126 -31.48 7.34 5.80
N ALA A 127 -30.87 8.52 5.87
CA ALA A 127 -31.64 9.75 5.85
C ALA A 127 -32.40 9.90 4.54
N ALA A 128 -31.77 9.56 3.41
CA ALA A 128 -32.44 9.63 2.13
C ALA A 128 -33.62 8.67 2.06
N LEU A 129 -33.43 7.44 2.55
CA LEU A 129 -34.53 6.48 2.59
C LEU A 129 -35.64 6.94 3.52
N LEU A 130 -35.30 7.76 4.53
CA LEU A 130 -36.34 8.36 5.36
C LEU A 130 -37.06 9.48 4.64
N GLU A 131 -36.37 10.18 3.73
CA GLU A 131 -36.99 11.28 2.99
C GLU A 131 -38.15 10.77 2.14
N MET A 132 -37.86 9.91 1.18
CA MET A 132 -38.93 9.27 0.42
C MET A 132 -39.58 8.19 1.26
N ASN A 133 -40.84 7.90 0.95
CA ASN A 133 -41.61 6.98 1.78
C ASN A 133 -41.18 5.54 1.54
N GLN A 134 -39.96 5.19 1.94
CA GLN A 134 -39.44 3.83 1.82
C GLN A 134 -39.34 3.14 3.17
N THR A 135 -38.69 3.78 4.15
CA THR A 135 -38.64 3.29 5.52
C THR A 135 -39.50 4.21 6.38
N LYS A 136 -40.41 3.61 7.16
CA LYS A 136 -41.39 4.40 7.89
C LYS A 136 -40.95 4.69 9.32
N VAL A 137 -40.65 3.65 10.10
CA VAL A 137 -40.33 3.79 11.51
C VAL A 137 -38.92 3.28 11.75
N VAL A 138 -38.14 4.04 12.52
CA VAL A 138 -36.77 3.69 12.89
C VAL A 138 -36.67 3.78 14.40
N PHE A 139 -36.27 2.68 15.04
CA PHE A 139 -36.00 2.65 16.47
C PHE A 139 -34.50 2.63 16.71
N THR A 140 -34.09 3.05 17.90
CA THR A 140 -32.67 3.11 18.23
C THR A 140 -32.51 3.21 19.74
N THR A 141 -31.29 2.95 20.20
CA THR A 141 -30.92 3.17 21.60
C THR A 141 -29.95 4.33 21.78
N ASN A 142 -29.44 4.91 20.70
CA ASN A 142 -28.49 6.00 20.82
C ASN A 142 -29.20 7.27 21.31
N PHE A 143 -28.41 8.15 21.93
CA PHE A 143 -28.90 9.45 22.36
C PHE A 143 -28.02 10.55 21.79
N ASP A 144 -27.66 10.41 20.52
CA ASP A 144 -26.90 11.41 19.78
C ASP A 144 -27.74 11.91 18.60
N ASP A 145 -27.13 12.74 17.76
CA ASP A 145 -27.85 13.46 16.73
C ASP A 145 -27.35 13.14 15.33
N VAL A 146 -26.81 11.94 15.12
CA VAL A 146 -26.30 11.59 13.79
C VAL A 146 -27.43 11.49 12.78
N ILE A 147 -28.50 10.76 13.13
CA ILE A 147 -29.60 10.58 12.19
C ILE A 147 -30.36 11.88 11.99
N GLU A 148 -30.57 12.63 13.07
CA GLU A 148 -31.26 13.92 12.95
C GLU A 148 -30.48 14.88 12.07
N THR A 149 -29.16 14.96 12.26
CA THR A 149 -28.34 15.86 11.43
C THR A 149 -28.38 15.45 9.97
N ALA A 150 -28.28 14.15 9.68
CA ALA A 150 -28.31 13.69 8.30
C ALA A 150 -29.65 14.00 7.65
N PHE A 151 -30.75 13.75 8.36
CA PHE A 151 -32.07 14.04 7.82
C PHE A 151 -32.24 15.53 7.57
N SER A 152 -31.79 16.37 8.52
CA SER A 152 -31.92 17.81 8.35
C SER A 152 -31.08 18.31 7.18
N ASP A 153 -29.88 17.76 7.00
CA ASP A 153 -29.02 18.18 5.90
C ASP A 153 -29.62 17.78 4.56
N ILE A 154 -30.08 16.54 4.44
CA ILE A 154 -30.58 16.05 3.16
C ILE A 154 -31.91 16.70 2.81
N SER A 155 -32.81 16.83 3.79
CA SER A 155 -34.15 17.32 3.50
C SER A 155 -34.27 18.84 3.66
N GLY A 156 -33.69 19.38 4.72
CA GLY A 156 -33.93 20.76 5.10
C GLY A 156 -35.02 20.94 6.14
N LYS A 157 -35.69 19.87 6.53
CA LYS A 157 -36.72 19.88 7.56
C LYS A 157 -36.20 19.21 8.82
N HIS A 158 -37.06 19.11 9.82
CA HIS A 158 -36.72 18.52 11.11
C HIS A 158 -37.50 17.23 11.31
N LEU A 159 -36.80 16.21 11.79
CA LEU A 159 -37.44 14.92 12.07
C LEU A 159 -38.28 15.01 13.34
N SER A 160 -39.29 14.15 13.42
CA SER A 160 -40.13 14.05 14.61
C SER A 160 -39.55 12.98 15.52
N VAL A 161 -38.85 13.41 16.56
CA VAL A 161 -38.13 12.50 17.46
C VAL A 161 -38.94 12.34 18.74
N TYR A 162 -39.18 11.10 19.14
CA TYR A 162 -39.90 10.78 20.37
C TYR A 162 -38.94 10.11 21.33
N HIS A 163 -38.75 10.72 22.50
CA HIS A 163 -37.85 10.18 23.51
C HIS A 163 -38.49 10.41 24.88
N LEU A 164 -37.70 10.24 25.93
CA LEU A 164 -38.19 10.40 27.30
C LEU A 164 -38.19 11.86 27.71
N GLU A 165 -38.84 12.72 26.93
CA GLU A 165 -38.98 14.14 27.26
C GLU A 165 -40.40 14.60 26.94
N GLY A 166 -41.38 13.74 27.22
CA GLY A 166 -42.76 14.10 27.00
C GLY A 166 -43.24 13.88 25.58
N SER A 167 -43.05 12.68 25.04
CA SER A 167 -43.51 12.38 23.70
C SER A 167 -45.00 12.03 23.69
N TYR A 168 -45.35 10.92 24.35
CA TYR A 168 -46.75 10.48 24.51
C TYR A 168 -47.51 10.45 23.19
N ALA A 169 -46.79 10.25 22.08
CA ALA A 169 -47.43 10.28 20.78
C ALA A 169 -47.00 9.17 19.82
N ALA A 170 -45.98 8.40 20.18
CA ALA A 170 -45.46 7.37 19.24
C ALA A 170 -46.59 6.43 18.79
N LEU A 171 -47.30 5.79 19.72
CA LEU A 171 -48.32 4.77 19.33
C LEU A 171 -49.42 5.44 18.50
N SER A 172 -49.83 6.65 18.88
CA SER A 172 -50.84 7.40 18.08
C SER A 172 -50.27 7.73 16.71
N ALA A 173 -48.97 8.06 16.65
CA ALA A 173 -48.32 8.39 15.36
C ALA A 173 -48.42 7.19 14.40
N LEU A 174 -48.16 5.98 14.91
CA LEU A 174 -48.26 4.77 14.06
C LEU A 174 -49.67 4.68 13.50
N ASN A 175 -50.68 5.00 14.32
CA ASN A 175 -52.10 4.89 13.87
C ASN A 175 -52.44 6.03 12.91
N THR A 176 -52.00 7.26 13.22
CA THR A 176 -52.20 8.38 12.27
C THR A 176 -51.17 8.25 11.15
N GLU A 177 -50.35 7.19 11.19
CA GLU A 177 -49.33 6.95 10.13
C GLU A 177 -48.48 8.21 9.97
N ALA A 178 -48.02 8.80 11.07
CA ALA A 178 -47.20 10.04 11.02
C ALA A 178 -45.73 9.67 10.75
N PHE A 179 -45.44 9.08 9.59
CA PHE A 179 -44.06 8.66 9.25
C PHE A 179 -43.33 9.82 8.56
N PRO A 180 -42.00 9.98 8.75
CA PRO A 180 -41.20 8.94 9.42
C PRO A 180 -41.20 9.12 10.95
N ILE A 181 -41.06 8.01 11.70
CA ILE A 181 -41.09 8.08 13.18
C ILE A 181 -39.75 7.59 13.75
N TYR A 182 -38.93 8.50 14.31
CA TYR A 182 -37.63 8.12 14.92
C TYR A 182 -37.78 8.14 16.43
N ALA A 183 -37.72 6.97 17.08
CA ALA A 183 -37.95 6.88 18.53
C ALA A 183 -36.66 6.55 19.28
N LYS A 184 -36.05 7.54 19.92
CA LYS A 184 -34.84 7.26 20.75
C LYS A 184 -35.31 6.63 22.06
N ILE A 185 -34.76 5.46 22.40
CA ILE A 185 -35.19 4.72 23.63
C ILE A 185 -34.07 4.76 24.68
N HIS A 186 -34.40 4.75 25.97
CA HIS A 186 -33.37 4.87 27.03
C HIS A 186 -32.55 3.59 27.13
N GLY A 187 -33.22 2.43 27.13
CA GLY A 187 -32.51 1.16 27.21
C GLY A 187 -32.21 0.80 28.64
N ASP A 188 -30.98 0.35 28.87
CA ASP A 188 -30.53 -0.05 30.21
C ASP A 188 -29.57 0.94 30.85
N PHE A 189 -28.82 1.70 30.07
CA PHE A 189 -27.88 2.67 30.61
C PHE A 189 -27.69 3.79 29.59
N ARG A 190 -28.24 4.96 29.89
CA ARG A 190 -28.05 6.15 29.07
C ARG A 190 -27.18 7.17 29.78
N TYR A 191 -27.56 7.57 30.98
CA TYR A 191 -26.71 8.35 31.88
C TYR A 191 -26.55 7.69 33.23
N GLN A 192 -27.61 7.03 33.72
CA GLN A 192 -27.56 6.19 34.91
C GLN A 192 -28.30 4.90 34.61
N LYS A 193 -28.57 4.10 35.63
CA LYS A 193 -29.38 2.91 35.42
C LYS A 193 -30.86 3.28 35.35
N ILE A 194 -31.64 2.38 34.74
CA ILE A 194 -33.07 2.62 34.61
C ILE A 194 -33.79 2.53 35.94
N LYS A 195 -33.18 1.87 36.94
CA LYS A 195 -33.85 1.72 38.23
C LYS A 195 -34.01 3.05 38.94
N ASN A 196 -32.98 3.90 38.92
CA ASN A 196 -32.96 5.12 39.72
C ASN A 196 -33.50 6.35 38.99
N LEU A 197 -34.68 6.20 38.40
CA LEU A 197 -35.40 7.31 37.76
C LEU A 197 -36.78 7.41 38.42
N THR A 198 -36.84 8.10 39.54
CA THR A 198 -38.09 8.22 40.30
C THR A 198 -39.19 8.98 39.56
N PRO A 199 -38.96 10.16 38.96
CA PRO A 199 -40.09 10.96 38.48
C PRO A 199 -40.79 10.37 37.27
N ASP A 200 -41.41 9.19 37.45
CA ASP A 200 -42.32 8.56 36.49
C ASP A 200 -41.74 8.49 35.08
N LEU A 201 -40.42 8.58 34.93
CA LEU A 201 -39.82 8.48 33.61
C LEU A 201 -39.83 7.04 33.11
N GLN A 202 -39.96 6.07 34.01
CA GLN A 202 -40.06 4.68 33.60
C GLN A 202 -41.38 4.40 32.89
N THR A 203 -42.44 5.12 33.27
CA THR A 203 -43.72 4.95 32.59
C THR A 203 -43.67 5.43 31.15
N ASN A 204 -42.95 6.53 30.89
CA ASN A 204 -42.75 6.99 29.52
C ASN A 204 -42.00 5.95 28.70
N ASP A 205 -40.96 5.35 29.29
CA ASP A 205 -40.23 4.29 28.60
C ASP A 205 -41.14 3.09 28.32
N ARG A 206 -42.00 2.76 29.27
CA ARG A 206 -42.95 1.66 29.06
C ARG A 206 -43.91 1.98 27.92
N GLU A 207 -44.38 3.23 27.84
CA GLU A 207 -45.25 3.63 26.74
C GLU A 207 -44.55 3.52 25.39
N ILE A 208 -43.30 4.00 25.33
CA ILE A 208 -42.55 3.93 24.09
C ILE A 208 -42.33 2.48 23.68
N HIS A 209 -42.01 1.62 24.65
CA HIS A 209 -41.84 0.19 24.37
C HIS A 209 -43.14 -0.43 23.88
N LYS A 210 -44.26 -0.06 24.51
CA LYS A 210 -45.56 -0.59 24.11
C LYS A 210 -45.91 -0.19 22.69
N CYS A 211 -45.47 1.00 22.26
CA CYS A 211 -45.64 1.37 20.85
C CYS A 211 -44.89 0.41 19.92
N PHE A 212 -43.78 -0.14 20.38
CA PHE A 212 -42.98 -1.04 19.53
C PHE A 212 -43.74 -2.32 19.18
N LEU A 213 -44.62 -2.79 20.07
CA LEU A 213 -45.39 -3.99 19.77
C LEU A 213 -46.28 -3.77 18.55
N ALA A 214 -47.05 -2.68 18.56
CA ALA A 214 -47.89 -2.37 17.40
C ALA A 214 -47.05 -2.06 16.18
N ALA A 215 -45.88 -1.46 16.37
CA ALA A 215 -45.00 -1.20 15.23
C ALA A 215 -44.52 -2.49 14.59
N ALA A 216 -44.15 -3.49 15.41
CA ALA A 216 -43.62 -4.74 14.89
C ALA A 216 -44.70 -5.72 14.47
N ILE A 217 -45.96 -5.46 14.81
CA ILE A 217 -47.04 -6.31 14.34
C ILE A 217 -47.10 -6.31 12.81
N ARG A 218 -46.95 -5.14 12.20
CA ARG A 218 -47.13 -5.00 10.76
C ARG A 218 -45.85 -5.07 9.95
N PHE A 219 -44.73 -4.60 10.51
CA PHE A 219 -43.50 -4.45 9.75
C PHE A 219 -42.54 -5.62 9.98
N GLY A 220 -41.42 -5.59 9.26
CA GLY A 220 -40.35 -6.53 9.46
C GLY A 220 -39.12 -5.81 9.96
N LEU A 221 -38.35 -6.48 10.83
CA LEU A 221 -37.28 -5.83 11.58
C LEU A 221 -35.93 -6.14 10.96
N VAL A 222 -35.07 -5.12 10.88
CA VAL A 222 -33.69 -5.25 10.46
C VAL A 222 -32.83 -4.58 11.52
N VAL A 223 -32.11 -5.39 12.31
CA VAL A 223 -31.31 -4.90 13.42
C VAL A 223 -29.85 -4.88 12.99
N SER A 224 -29.26 -3.69 13.01
CA SER A 224 -27.86 -3.49 12.66
C SER A 224 -27.15 -2.71 13.74
N GLY A 225 -25.92 -3.11 14.05
CA GLY A 225 -25.10 -2.38 15.01
C GLY A 225 -25.50 -2.54 16.45
N TYR A 226 -26.19 -3.62 16.80
CA TYR A 226 -26.61 -3.88 18.16
C TYR A 226 -25.99 -5.17 18.66
N SER A 227 -25.69 -5.21 19.96
CA SER A 227 -24.98 -6.34 20.56
C SER A 227 -25.80 -7.10 21.58
N GLY A 228 -26.95 -6.59 22.01
CA GLY A 228 -27.72 -7.24 23.04
C GLY A 228 -27.31 -6.91 24.46
N ARG A 229 -26.64 -5.78 24.67
CA ARG A 229 -26.16 -5.42 26.00
C ARG A 229 -27.33 -5.19 26.95
N ASP A 230 -28.35 -4.48 26.50
CA ASP A 230 -29.45 -4.09 27.37
C ASP A 230 -30.34 -5.29 27.69
N GLU A 231 -31.11 -5.15 28.76
CA GLU A 231 -32.05 -6.17 29.21
C GLU A 231 -33.49 -5.81 28.90
N ASN A 232 -33.87 -4.54 29.08
CA ASN A 232 -35.23 -4.12 28.74
C ASN A 232 -35.49 -4.23 27.25
N VAL A 233 -34.47 -3.93 26.42
CA VAL A 233 -34.62 -4.06 24.98
C VAL A 233 -34.88 -5.52 24.60
N MET A 234 -34.11 -6.44 25.19
CA MET A 234 -34.32 -7.86 24.91
C MET A 234 -35.69 -8.33 25.40
N THR A 235 -36.12 -7.83 26.57
CA THR A 235 -37.45 -8.20 27.05
C THR A 235 -38.54 -7.70 26.10
N MET A 236 -38.38 -6.47 25.59
CA MET A 236 -39.34 -5.94 24.63
C MET A 236 -39.35 -6.78 23.35
N LEU A 237 -38.17 -7.18 22.87
CA LEU A 237 -38.11 -7.99 21.65
C LEU A 237 -38.76 -9.35 21.87
N ARG A 238 -38.53 -9.97 23.04
CA ARG A 238 -39.17 -11.25 23.33
C ARG A 238 -40.67 -11.10 23.42
N ALA A 239 -41.15 -10.02 24.05
CA ALA A 239 -42.60 -9.79 24.13
C ALA A 239 -43.20 -9.57 22.75
N ALA A 240 -42.49 -8.84 21.88
CA ALA A 240 -42.97 -8.65 20.51
C ALA A 240 -43.02 -9.97 19.76
N ILE A 241 -42.01 -10.82 19.95
CA ILE A 241 -42.03 -12.14 19.32
C ILE A 241 -43.21 -12.96 19.81
N ASP A 242 -43.52 -12.86 21.11
CA ASP A 242 -44.64 -13.62 21.67
C ASP A 242 -45.96 -13.25 21.04
N GLN A 243 -46.09 -12.07 20.45
CA GLN A 243 -47.31 -11.71 19.75
C GLN A 243 -47.51 -12.59 18.53
N ASN A 244 -48.78 -12.87 18.22
CA ASN A 244 -49.11 -13.70 17.08
C ASN A 244 -48.69 -13.03 15.78
N ASN A 245 -48.26 -13.85 14.82
CA ASN A 245 -47.82 -13.44 13.48
C ASN A 245 -46.96 -12.18 13.50
N ALA A 246 -46.12 -12.03 14.51
CA ALA A 246 -45.25 -10.88 14.60
C ALA A 246 -44.16 -10.94 13.54
N PHE A 247 -43.79 -9.77 13.03
CA PHE A 247 -42.82 -9.63 11.96
C PHE A 247 -43.24 -10.52 10.78
N PRO A 248 -44.32 -10.18 10.08
CA PRO A 248 -44.77 -11.04 8.98
C PRO A 248 -43.75 -11.19 7.87
N HIS A 249 -42.86 -10.22 7.68
CA HIS A 249 -41.81 -10.31 6.69
C HIS A 249 -40.50 -10.84 7.25
N GLY A 250 -40.45 -11.17 8.53
CA GLY A 250 -39.30 -11.78 9.14
C GLY A 250 -38.40 -10.79 9.85
N LEU A 251 -37.44 -11.34 10.59
CA LEU A 251 -36.49 -10.58 11.38
C LEU A 251 -35.08 -10.88 10.88
N TYR A 252 -34.28 -9.84 10.66
CA TYR A 252 -32.95 -9.97 10.10
C TYR A 252 -31.95 -9.23 10.98
N TRP A 253 -31.05 -9.98 11.62
CA TRP A 253 -30.02 -9.41 12.48
C TRP A 253 -28.70 -9.43 11.72
N THR A 254 -28.25 -8.27 11.27
CA THR A 254 -27.02 -8.18 10.50
C THR A 254 -25.85 -7.93 11.43
N VAL A 255 -24.79 -8.72 11.26
CA VAL A 255 -23.60 -8.62 12.11
C VAL A 255 -22.36 -8.52 11.23
N PRO A 256 -21.29 -7.87 11.69
CA PRO A 256 -20.06 -7.81 10.88
C PRO A 256 -19.43 -9.17 10.61
N SER A 257 -19.54 -10.12 11.54
CA SER A 257 -18.95 -11.44 11.33
C SER A 257 -19.59 -12.43 12.28
N ILE A 258 -19.76 -13.67 11.79
CA ILE A 258 -20.37 -14.72 12.59
C ILE A 258 -19.46 -15.16 13.73
N SER A 259 -18.14 -15.10 13.53
CA SER A 259 -17.20 -15.57 14.55
C SER A 259 -17.27 -14.78 15.84
N LYS A 260 -17.85 -13.58 15.83
CA LYS A 260 -18.00 -12.78 17.04
C LYS A 260 -19.47 -12.38 17.21
N SER A 261 -20.37 -13.35 17.09
CA SER A 261 -21.79 -13.06 16.84
C SER A 261 -22.63 -13.01 18.11
N GLU A 262 -22.05 -12.71 19.27
CA GLU A 262 -22.86 -12.35 20.44
C GLU A 262 -23.82 -13.47 20.86
N PRO A 263 -23.33 -14.49 21.59
CA PRO A 263 -24.19 -15.60 22.01
C PRO A 263 -25.58 -15.22 22.49
N ALA A 264 -25.75 -14.02 23.05
CA ALA A 264 -27.10 -13.53 23.37
C ALA A 264 -27.91 -13.32 22.11
N VAL A 265 -27.31 -12.71 21.08
CA VAL A 265 -27.98 -12.56 19.80
C VAL A 265 -28.30 -13.92 19.20
N GLN A 266 -27.36 -14.86 19.31
CA GLN A 266 -27.60 -16.20 18.80
C GLN A 266 -28.77 -16.87 19.52
N ASP A 267 -28.86 -16.68 20.84
CA ASP A 267 -29.97 -17.24 21.60
C ASP A 267 -31.30 -16.62 21.19
N LEU A 268 -31.31 -15.30 20.95
CA LEU A 268 -32.54 -14.65 20.49
C LEU A 268 -32.97 -15.20 19.13
N ILE A 269 -32.01 -15.39 18.21
CA ILE A 269 -32.34 -15.95 16.91
C ILE A 269 -32.88 -17.37 17.05
N THR A 270 -32.28 -18.16 17.95
CA THR A 270 -32.76 -19.52 18.18
C THR A 270 -34.18 -19.52 18.72
N TYR A 271 -34.47 -18.62 19.66
CA TYR A 271 -35.83 -18.53 20.21
C TYR A 271 -36.82 -18.15 19.12
N ALA A 272 -36.48 -17.16 18.29
CA ALA A 272 -37.37 -16.74 17.23
C ALA A 272 -37.63 -17.88 16.25
N GLN A 273 -36.59 -18.64 15.92
CA GLN A 273 -36.77 -19.80 15.04
C GLN A 273 -37.64 -20.86 15.70
N GLY A 274 -37.46 -21.08 17.01
CA GLY A 274 -38.21 -22.11 17.69
C GLY A 274 -39.70 -21.80 17.77
N LYS A 275 -40.04 -20.56 18.12
CA LYS A 275 -41.46 -20.19 18.17
C LYS A 275 -42.07 -20.09 16.78
N GLY A 276 -41.25 -19.90 15.75
CA GLY A 276 -41.70 -19.83 14.39
C GLY A 276 -41.75 -18.40 13.88
N VAL A 277 -40.68 -17.99 13.23
CA VAL A 277 -40.49 -16.63 12.72
C VAL A 277 -39.44 -16.71 11.62
N ARG A 278 -39.64 -15.93 10.55
CA ARG A 278 -38.67 -15.88 9.48
C ARG A 278 -37.43 -15.13 9.91
N ALA A 279 -36.69 -15.68 10.89
CA ALA A 279 -35.57 -15.01 11.51
C ALA A 279 -34.26 -15.64 11.06
N TYR A 280 -33.31 -14.80 10.64
CA TYR A 280 -31.99 -15.25 10.22
C TYR A 280 -30.92 -14.36 10.84
N LEU A 281 -29.72 -14.90 10.91
CA LEU A 281 -28.54 -14.21 11.42
C LEU A 281 -27.65 -13.88 10.23
N VAL A 282 -27.86 -12.70 9.66
CA VAL A 282 -27.24 -12.35 8.38
C VAL A 282 -25.91 -11.65 8.63
N GLU A 283 -24.96 -11.82 7.71
CA GLU A 283 -23.64 -11.21 7.80
C GLU A 283 -23.41 -10.36 6.56
N THR A 284 -23.38 -9.03 6.74
CA THR A 284 -23.16 -8.09 5.64
C THR A 284 -21.93 -7.21 5.86
N GLY A 285 -21.08 -7.55 6.80
CA GLY A 285 -19.96 -6.68 7.10
C GLY A 285 -20.37 -5.45 7.90
N THR A 286 -19.87 -4.29 7.52
CA THR A 286 -20.09 -3.07 8.29
C THR A 286 -21.44 -2.43 7.92
N PHE A 287 -21.76 -1.34 8.62
CA PHE A 287 -23.02 -0.63 8.38
C PHE A 287 -22.97 0.13 7.07
N ASP A 288 -21.87 0.84 6.81
CA ASP A 288 -21.74 1.59 5.57
C ASP A 288 -21.78 0.68 4.36
N GLU A 289 -21.12 -0.47 4.44
CA GLU A 289 -21.12 -1.42 3.33
C GLU A 289 -22.53 -1.88 3.00
N MET A 290 -23.27 -2.33 4.02
CA MET A 290 -24.62 -2.82 3.80
C MET A 290 -25.52 -1.71 3.26
N LEU A 291 -25.42 -0.51 3.82
CA LEU A 291 -26.29 0.57 3.38
C LEU A 291 -25.97 0.99 1.95
N SER A 292 -24.68 0.99 1.56
CA SER A 292 -24.32 1.30 0.19
C SER A 292 -24.85 0.24 -0.78
N LYS A 293 -24.68 -1.04 -0.43
CA LYS A 293 -25.17 -2.10 -1.29
C LYS A 293 -26.68 -2.04 -1.44
N ILE A 294 -27.40 -1.72 -0.36
CA ILE A 294 -28.84 -1.55 -0.44
C ILE A 294 -29.19 -0.37 -1.33
N TRP A 295 -28.46 0.74 -1.18
CA TRP A 295 -28.72 1.93 -1.98
C TRP A 295 -28.50 1.67 -3.47
N ARG A 296 -27.62 0.73 -3.80
CA ARG A 296 -27.33 0.45 -5.20
C ARG A 296 -28.58 0.03 -5.96
N GLN A 297 -29.38 -0.87 -5.38
CA GLN A 297 -30.60 -1.36 -6.01
C GLN A 297 -31.80 -0.63 -5.41
N VAL A 298 -31.99 0.61 -5.83
CA VAL A 298 -33.13 1.41 -5.43
C VAL A 298 -33.73 2.06 -6.67
N LYS A 299 -35.05 1.99 -6.81
CA LYS A 299 -35.75 2.55 -7.95
C LYS A 299 -36.34 3.91 -7.61
N ASP A 300 -36.52 4.73 -8.66
CA ASP A 300 -37.16 6.04 -8.54
C ASP A 300 -36.37 6.97 -7.62
N LYS A 301 -35.09 7.11 -7.90
CA LYS A 301 -34.23 7.97 -7.11
C LYS A 301 -34.35 9.42 -7.58
N PRO A 302 -34.73 10.35 -6.71
CA PRO A 302 -34.75 11.77 -7.12
C PRO A 302 -33.35 12.27 -7.45
N ALA A 303 -33.29 13.22 -8.39
CA ALA A 303 -32.00 13.75 -8.81
C ALA A 303 -31.30 14.50 -7.68
N ALA A 304 -32.06 15.29 -6.92
CA ALA A 304 -31.46 16.07 -5.84
C ALA A 304 -30.90 15.18 -4.75
N ILE A 305 -31.61 14.10 -4.41
CA ILE A 305 -31.19 13.23 -3.32
C ILE A 305 -29.87 12.55 -3.64
N ASP A 306 -29.72 12.04 -4.87
CA ASP A 306 -28.52 11.31 -5.24
C ASP A 306 -27.27 12.17 -5.16
N ALA A 307 -27.41 13.48 -5.38
CA ALA A 307 -26.27 14.37 -5.23
C ALA A 307 -25.78 14.41 -3.79
N LYS A 308 -26.72 14.45 -2.84
CA LYS A 308 -26.36 14.52 -1.43
C LYS A 308 -25.89 13.19 -0.87
N VAL A 309 -26.43 12.07 -1.38
CA VAL A 309 -26.13 10.77 -0.79
C VAL A 309 -24.68 10.37 -1.09
N ARG A 310 -24.35 10.20 -2.36
CA ARG A 310 -23.02 9.79 -2.75
C ARG A 310 -22.14 11.01 -3.00
N THR A 311 -20.86 10.86 -2.69
CA THR A 311 -19.92 11.97 -2.83
C THR A 311 -19.70 12.28 -4.31
N ALA A 312 -19.80 13.57 -4.66
CA ALA A 312 -19.69 13.99 -6.05
C ALA A 312 -18.26 13.85 -6.55
N ARG A 313 -18.06 14.16 -7.83
CA ARG A 313 -16.72 14.11 -8.41
C ARG A 313 -15.76 15.03 -7.67
N VAL A 314 -14.56 14.54 -7.41
CA VAL A 314 -13.53 15.27 -6.71
C VAL A 314 -12.72 16.08 -7.72
N CYS A 315 -12.34 17.29 -7.34
CA CYS A 315 -11.62 18.16 -8.25
C CYS A 315 -10.26 17.56 -8.60
N PRO A 316 -9.76 17.80 -9.81
CA PRO A 316 -8.44 17.29 -10.17
C PRO A 316 -7.37 17.90 -9.28
N VAL A 317 -6.34 17.10 -9.01
CA VAL A 317 -5.26 17.50 -8.11
C VAL A 317 -4.36 18.50 -8.82
N SER A 318 -3.97 19.55 -8.10
CA SER A 318 -3.06 20.55 -8.67
C SER A 318 -2.29 21.19 -7.53
N ILE A 319 -1.02 20.86 -7.41
CA ILE A 319 -0.12 21.43 -6.41
C ILE A 319 0.83 22.39 -7.13
N PRO A 320 0.78 23.68 -6.85
CA PRO A 320 1.60 24.64 -7.62
C PRO A 320 3.08 24.35 -7.50
N LEU A 321 3.79 24.53 -8.62
CA LEU A 321 5.22 24.28 -8.68
C LEU A 321 6.00 25.43 -8.04
N PRO A 322 6.99 25.13 -7.20
CA PRO A 322 7.81 26.19 -6.60
C PRO A 322 8.65 26.92 -7.64
N GLY A 323 9.38 27.95 -7.20
CA GLY A 323 10.30 28.65 -8.07
C GLY A 323 11.69 28.06 -8.01
N PRO A 324 12.68 28.71 -8.68
CA PRO A 324 14.06 28.23 -8.63
C PRO A 324 14.62 28.33 -7.21
N GLY A 325 15.75 27.68 -6.94
CA GLY A 325 16.28 27.64 -5.57
C GLY A 325 17.59 28.38 -5.43
N LYS A 326 18.23 28.31 -4.26
CA LYS A 326 19.48 29.10 -4.05
C LYS A 326 20.55 28.27 -3.32
N SER A 327 20.17 27.30 -2.48
CA SER A 327 21.17 26.42 -1.83
C SER A 327 22.04 25.76 -2.90
N PHE A 328 23.23 25.25 -2.56
CA PHE A 328 24.13 24.76 -3.64
C PHE A 328 24.39 23.25 -3.66
N PRO A 329 24.00 22.39 -2.69
CA PRO A 329 24.16 20.95 -2.89
C PRO A 329 23.21 20.72 -4.06
N ALA A 330 23.66 20.96 -5.30
CA ALA A 330 22.76 20.92 -6.48
C ALA A 330 22.42 19.51 -6.93
N LEU A 331 21.43 19.39 -7.83
CA LEU A 331 21.04 18.07 -8.39
C LEU A 331 21.05 18.17 -9.91
N ARG A 332 21.96 17.44 -10.56
CA ARG A 332 22.02 17.38 -12.02
C ARG A 332 21.34 16.11 -12.48
N THR A 333 20.36 16.26 -13.38
CA THR A 333 19.63 15.13 -13.92
C THR A 333 20.30 14.63 -15.20
N ASN A 334 19.61 13.80 -15.96
CA ASN A 334 20.11 13.28 -17.23
C ASN A 334 19.21 13.63 -18.40
N ALA A 335 18.28 14.57 -18.23
CA ALA A 335 17.29 14.90 -19.25
C ALA A 335 17.66 16.20 -19.93
N LEU A 336 17.69 16.18 -21.25
CA LEU A 336 17.96 17.37 -22.07
C LEU A 336 16.66 17.93 -22.60
N PRO A 337 16.41 19.24 -22.44
CA PRO A 337 15.14 19.79 -22.93
C PRO A 337 15.08 19.80 -24.45
N VAL A 338 13.85 19.75 -24.97
CA VAL A 338 13.57 19.93 -26.38
C VAL A 338 12.71 21.18 -26.53
N VAL A 339 13.20 22.15 -27.27
CA VAL A 339 12.47 23.40 -27.43
C VAL A 339 11.50 23.37 -28.62
N THR A 340 11.84 22.61 -29.66
CA THR A 340 11.00 22.57 -30.85
C THR A 340 9.60 22.07 -30.52
N GLN A 341 8.59 22.75 -31.07
CA GLN A 341 7.20 22.38 -30.81
C GLN A 341 6.34 22.40 -32.07
N SER A 342 6.93 22.54 -33.26
CA SER A 342 6.16 22.59 -34.50
C SER A 342 7.03 22.06 -35.63
N ILE A 343 6.58 20.96 -36.24
CA ILE A 343 7.29 20.35 -37.35
C ILE A 343 6.28 20.08 -38.47
N ARG A 344 6.78 19.89 -39.70
CA ARG A 344 5.87 19.58 -40.83
C ARG A 344 6.23 18.20 -41.40
N CYS A 345 5.23 17.33 -41.54
CA CYS A 345 5.45 15.96 -42.07
C CYS A 345 4.64 15.78 -43.36
N GLY A 346 4.60 14.57 -43.92
CA GLY A 346 3.88 14.32 -45.18
C GLY A 346 2.69 13.40 -45.01
N VAL A 347 1.63 13.58 -45.82
CA VAL A 347 0.45 12.66 -45.77
C VAL A 347 0.23 12.06 -47.16
N VAL A 348 0.03 10.74 -47.24
CA VAL A 348 -0.22 10.05 -48.54
C VAL A 348 -1.65 9.49 -48.55
N THR A 349 -2.59 10.20 -49.16
CA THR A 349 -3.97 9.73 -49.25
C THR A 349 -4.01 8.52 -50.17
N LEU A 350 -4.63 7.44 -49.70
CA LEU A 350 -4.66 6.17 -50.41
C LEU A 350 -6.08 5.88 -50.91
N ALA A 351 -6.14 5.08 -51.98
CA ALA A 351 -7.41 4.69 -52.55
C ALA A 351 -8.15 3.71 -51.65
N SER A 352 -7.43 2.82 -50.97
CA SER A 352 -8.02 1.86 -50.06
C SER A 352 -7.25 1.91 -48.74
N PRO A 353 -7.93 1.93 -47.60
CA PRO A 353 -7.23 2.00 -46.31
C PRO A 353 -6.45 0.73 -46.03
N ILE A 354 -5.37 0.88 -45.27
CA ILE A 354 -4.51 -0.24 -44.91
C ILE A 354 -4.38 -0.34 -43.40
N THR A 355 -3.60 -1.30 -42.92
CA THR A 355 -3.38 -1.52 -41.50
C THR A 355 -1.90 -1.30 -41.19
N PHE A 356 -1.60 -1.13 -39.90
CA PHE A 356 -0.22 -0.91 -39.49
C PHE A 356 0.65 -2.13 -39.80
N SER A 357 0.11 -3.34 -39.63
CA SER A 357 0.89 -4.54 -39.91
C SER A 357 1.28 -4.62 -41.38
N GLU A 358 0.35 -4.33 -42.29
CA GLU A 358 0.65 -4.36 -43.71
C GLU A 358 1.67 -3.29 -44.07
N LEU A 359 1.56 -2.10 -43.48
CA LEU A 359 2.53 -1.05 -43.73
C LEU A 359 3.93 -1.47 -43.26
N LYS A 360 4.01 -2.09 -42.08
CA LYS A 360 5.30 -2.56 -41.58
C LYS A 360 5.88 -3.63 -42.48
N GLU A 361 5.04 -4.56 -42.96
CA GLU A 361 5.53 -5.59 -43.86
C GLU A 361 6.04 -5.00 -45.16
N ARG A 362 5.32 -4.03 -45.72
CA ARG A 362 5.76 -3.39 -46.95
C ARG A 362 7.05 -2.60 -46.73
N ILE A 363 7.19 -1.99 -45.55
CA ILE A 363 8.43 -1.29 -45.21
C ILE A 363 9.59 -2.27 -45.18
N SER A 364 9.38 -3.44 -44.56
CA SER A 364 10.42 -4.46 -44.52
C SER A 364 10.68 -5.07 -45.89
N GLN A 365 9.74 -4.96 -46.83
CA GLN A 365 9.94 -5.51 -48.17
C GLN A 365 11.12 -4.85 -48.86
N LYS A 366 11.03 -3.55 -49.11
CA LYS A 366 12.08 -2.78 -49.77
C LYS A 366 12.51 -1.66 -48.83
N SER A 367 13.82 -1.52 -48.65
CA SER A 367 14.36 -0.58 -47.66
C SER A 367 14.23 0.86 -48.13
N PRO A 368 13.39 1.68 -47.50
CA PRO A 368 13.28 3.09 -47.89
C PRO A 368 14.16 4.00 -47.05
N LYS A 369 14.65 5.06 -47.70
CA LYS A 369 15.38 6.12 -47.01
C LYS A 369 14.41 7.16 -46.47
N ALA A 370 13.44 6.69 -45.68
CA ALA A 370 12.42 7.55 -45.10
C ALA A 370 11.80 6.82 -43.92
N LEU A 371 11.17 7.59 -43.04
CA LEU A 371 10.45 7.04 -41.89
C LEU A 371 8.95 7.14 -42.13
N LEU A 372 8.22 6.16 -41.62
CA LEU A 372 6.78 6.09 -41.85
C LEU A 372 6.06 5.60 -40.59
N THR A 373 4.82 6.04 -40.43
CA THR A 373 3.95 5.54 -39.39
C THR A 373 2.50 5.68 -39.85
N TYR A 374 1.60 4.93 -39.21
CA TYR A 374 0.21 4.87 -39.62
C TYR A 374 -0.70 5.34 -38.50
N THR A 375 -1.52 6.34 -38.80
CA THR A 375 -2.63 6.79 -37.98
C THR A 375 -3.86 6.79 -38.88
N GLU A 376 -4.93 7.47 -38.48
CA GLU A 376 -6.09 7.67 -39.35
C GLU A 376 -5.64 8.00 -40.77
N LYS A 377 -4.55 8.75 -40.91
CA LYS A 377 -3.85 8.89 -42.17
C LYS A 377 -2.39 8.49 -41.98
N VAL A 378 -1.77 8.00 -43.06
CA VAL A 378 -0.38 7.57 -43.00
C VAL A 378 0.53 8.78 -43.11
N LEU A 379 1.50 8.88 -42.20
CA LEU A 379 2.45 9.98 -42.16
C LEU A 379 3.84 9.46 -42.49
N PHE A 380 4.63 10.29 -43.20
CA PHE A 380 5.95 9.91 -43.64
C PHE A 380 6.87 11.13 -43.58
N LEU A 381 8.16 10.84 -43.46
CA LEU A 381 9.22 11.86 -43.47
C LEU A 381 10.34 11.36 -44.37
N GLY A 382 10.63 12.11 -45.42
CA GLY A 382 11.65 11.71 -46.38
C GLY A 382 11.48 12.34 -47.75
N GLY A 383 11.56 11.53 -48.80
CA GLY A 383 11.46 12.02 -50.15
C GLY A 383 10.31 11.36 -50.91
N GLU A 384 9.77 12.09 -51.87
CA GLU A 384 8.67 11.56 -52.68
C GLU A 384 9.05 10.30 -53.45
N PRO A 385 10.19 10.22 -54.12
CA PRO A 385 10.54 8.96 -54.80
C PRO A 385 10.60 7.76 -53.86
N GLU A 386 10.97 7.98 -52.60
CA GLU A 386 11.05 6.87 -51.65
C GLU A 386 9.67 6.26 -51.40
N ILE A 387 8.67 7.10 -51.11
CA ILE A 387 7.33 6.56 -50.89
C ILE A 387 6.72 6.06 -52.19
N ARG A 388 7.07 6.67 -53.32
CA ARG A 388 6.61 6.13 -54.60
C ARG A 388 7.23 4.77 -54.89
N LYS A 389 8.41 4.49 -54.32
CA LYS A 389 8.96 3.15 -54.40
C LYS A 389 8.23 2.21 -53.45
N ILE A 390 7.92 2.67 -52.24
CA ILE A 390 7.21 1.82 -51.29
C ILE A 390 5.74 1.69 -51.66
N PHE A 391 5.21 2.64 -52.44
CA PHE A 391 3.81 2.65 -52.83
C PHE A 391 3.71 2.94 -54.32
N SER A 392 3.14 2.01 -55.07
CA SER A 392 3.02 2.18 -56.51
C SER A 392 2.13 3.36 -56.84
N ASN A 393 2.34 3.94 -58.04
CA ASN A 393 1.63 5.14 -58.43
C ASN A 393 0.13 4.89 -58.59
N ASP A 394 -0.27 3.63 -58.84
CA ASP A 394 -1.67 3.34 -59.06
C ASP A 394 -2.51 3.56 -57.80
N GLU A 395 -2.00 3.15 -56.63
CA GLU A 395 -2.77 3.23 -55.41
C GLU A 395 -2.85 4.63 -54.83
N ILE A 396 -1.84 5.47 -55.06
CA ILE A 396 -1.78 6.80 -54.46
C ILE A 396 -2.58 7.76 -55.31
N ASN A 397 -3.27 8.70 -54.65
CA ASN A 397 -4.08 9.71 -55.32
C ASN A 397 -3.47 11.10 -55.19
N SER A 398 -3.22 11.55 -53.96
CA SER A 398 -2.60 12.84 -53.74
C SER A 398 -1.71 12.76 -52.51
N ILE A 399 -0.71 13.62 -52.46
CA ILE A 399 0.26 13.66 -51.37
C ILE A 399 0.33 15.09 -50.87
N GLY A 400 -0.04 15.32 -49.62
CA GLY A 400 -0.03 16.65 -49.04
C GLY A 400 0.86 16.77 -47.82
N GLN A 401 0.45 17.57 -46.85
CA GLN A 401 1.20 17.78 -45.63
C GLN A 401 0.27 17.67 -44.43
N TYR A 402 0.86 17.44 -43.26
CA TYR A 402 0.13 17.26 -42.02
C TYR A 402 0.86 18.04 -40.93
N TYR A 403 0.25 19.14 -40.47
CA TYR A 403 0.84 19.92 -39.40
C TYR A 403 0.71 19.20 -38.07
N ILE A 404 1.75 19.31 -37.25
CA ILE A 404 1.73 18.78 -35.88
C ILE A 404 2.15 19.93 -34.97
N ASP A 405 1.18 20.68 -34.46
CA ASP A 405 1.44 21.80 -33.57
C ASP A 405 1.43 21.32 -32.13
N GLU A 406 2.35 21.88 -31.33
CA GLU A 406 2.47 21.53 -29.92
C GLU A 406 2.71 20.03 -29.74
N ILE A 407 3.89 19.61 -30.22
CA ILE A 407 4.23 18.18 -30.26
C ILE A 407 4.12 17.54 -28.89
N ALA A 408 4.27 18.32 -27.82
CA ALA A 408 4.16 17.76 -26.48
C ALA A 408 2.78 17.14 -26.24
N GLN A 409 1.71 17.89 -26.54
CA GLN A 409 0.37 17.38 -26.30
C GLN A 409 0.02 16.23 -27.24
N SER A 410 0.41 16.33 -28.51
CA SER A 410 0.14 15.26 -29.45
C SER A 410 0.86 13.97 -29.05
N VAL A 411 2.11 14.09 -28.60
CA VAL A 411 2.86 12.92 -28.15
C VAL A 411 2.23 12.33 -26.90
N ALA A 412 1.80 13.19 -25.97
CA ALA A 412 1.16 12.69 -24.76
C ALA A 412 -0.15 11.97 -25.08
N ALA A 413 -0.93 12.52 -26.02
CA ALA A 413 -2.24 11.94 -26.33
C ALA A 413 -2.10 10.72 -27.22
N SER A 414 -1.53 10.88 -28.41
CA SER A 414 -1.40 9.80 -29.37
C SER A 414 -0.14 9.01 -29.10
N THR A 415 -0.17 7.67 -29.10
CA THR A 415 1.08 6.86 -28.91
C THR A 415 1.94 6.71 -30.19
N PHE A 416 1.33 6.59 -31.37
CA PHE A 416 2.12 6.35 -32.60
C PHE A 416 3.05 7.53 -32.86
N LEU A 417 2.54 8.74 -32.66
CA LEU A 417 3.35 9.96 -32.88
C LEU A 417 4.56 9.94 -31.94
N LYS A 418 4.39 9.45 -30.70
CA LYS A 418 5.54 9.34 -29.79
C LYS A 418 6.68 8.62 -30.54
N SER A 419 6.45 7.36 -30.94
CA SER A 419 7.50 6.58 -31.61
C SER A 419 8.01 7.33 -32.84
N PHE A 420 7.11 7.87 -33.66
CA PHE A 420 7.56 8.51 -34.92
C PHE A 420 8.55 9.65 -34.61
N VAL A 421 8.20 10.54 -33.68
CA VAL A 421 9.06 11.72 -33.37
C VAL A 421 10.35 11.23 -32.71
N GLU A 422 10.27 10.21 -31.85
CA GLU A 422 11.50 9.65 -31.24
C GLU A 422 12.46 9.22 -32.35
N GLU A 423 11.95 8.53 -33.37
CA GLU A 423 12.85 8.01 -34.43
C GLU A 423 13.33 9.14 -35.33
N ALA A 424 12.51 10.16 -35.55
CA ALA A 424 12.96 11.31 -36.36
C ALA A 424 14.09 12.02 -35.62
N ILE A 425 13.96 12.18 -34.31
CA ILE A 425 14.95 12.89 -33.51
C ILE A 425 16.26 12.12 -33.49
N LEU A 426 16.19 10.80 -33.30
CA LEU A 426 17.44 10.03 -33.25
C LEU A 426 18.11 9.92 -34.62
N THR A 427 17.33 9.84 -35.70
CA THR A 427 17.93 9.85 -37.03
C THR A 427 18.65 11.17 -37.29
N ALA A 428 18.04 12.29 -36.87
CA ALA A 428 18.70 13.57 -36.99
C ALA A 428 19.96 13.65 -36.14
N LEU A 429 19.91 13.06 -34.94
CA LEU A 429 21.05 13.12 -34.02
C LEU A 429 22.24 12.33 -34.54
N LEU A 430 22.01 11.09 -34.95
CA LEU A 430 23.11 10.20 -35.35
C LEU A 430 23.57 10.45 -36.77
N ARG A 431 22.90 11.32 -37.51
CA ARG A 431 23.26 11.59 -38.90
C ARG A 431 24.61 12.29 -38.97
N GLU A 432 25.38 11.97 -40.01
CA GLU A 432 26.67 12.62 -40.29
C GLU A 432 27.61 12.51 -39.09
N LYS A 433 27.69 11.32 -38.52
CA LYS A 433 28.58 11.04 -37.40
C LYS A 433 29.01 9.58 -37.48
N PRO A 434 30.18 9.23 -36.95
CA PRO A 434 30.64 7.84 -37.00
C PRO A 434 29.92 6.91 -36.05
N ILE A 435 29.03 7.43 -35.20
CA ILE A 435 28.38 6.59 -34.19
C ILE A 435 27.47 5.57 -34.86
N LEU A 436 27.36 4.40 -34.23
CA LEU A 436 26.48 3.33 -34.71
C LEU A 436 25.05 3.58 -34.27
N HIS A 437 24.17 2.66 -34.64
CA HIS A 437 22.75 2.75 -34.29
C HIS A 437 22.23 1.33 -34.09
N ARG A 438 21.79 1.02 -32.88
CA ARG A 438 21.30 -0.31 -32.57
C ARG A 438 20.02 -0.21 -31.75
N VAL A 439 19.18 -1.23 -31.85
CA VAL A 439 17.87 -1.27 -31.21
C VAL A 439 17.74 -2.57 -30.43
N ARG A 440 17.21 -2.48 -29.21
CA ARG A 440 17.03 -3.65 -28.36
C ARG A 440 15.79 -3.44 -27.51
N HIS A 441 14.74 -4.23 -27.76
CA HIS A 441 13.46 -4.11 -27.07
C HIS A 441 12.88 -2.71 -27.21
N ARG A 442 12.86 -2.20 -28.45
CA ARG A 442 12.34 -0.90 -28.85
C ARG A 442 13.16 0.26 -28.31
N THR A 443 14.18 0.01 -27.50
CA THR A 443 15.07 1.06 -27.02
C THR A 443 16.20 1.29 -28.00
N HIS A 444 16.64 2.53 -28.11
CA HIS A 444 17.63 2.94 -29.08
C HIS A 444 18.97 3.19 -28.41
N TYR A 445 20.06 2.83 -29.08
CA TYR A 445 21.40 2.96 -28.55
C TYR A 445 22.29 3.68 -29.56
N ALA A 446 23.43 4.16 -29.07
CA ALA A 446 24.40 4.91 -29.86
C ALA A 446 25.79 4.29 -29.70
N VAL A 447 25.88 2.98 -29.92
CA VAL A 447 27.11 2.20 -29.73
C VAL A 447 28.28 2.80 -30.51
N ILE A 448 29.50 2.60 -30.01
CA ILE A 448 30.72 3.08 -30.61
C ILE A 448 31.28 2.04 -31.56
N PRO A 449 31.70 2.41 -32.78
CA PRO A 449 32.22 1.41 -33.71
C PRO A 449 33.57 0.87 -33.27
N ASN A 450 33.72 -0.44 -33.38
CA ASN A 450 35.00 -1.06 -33.03
C ASN A 450 36.11 -0.59 -33.97
N ALA A 451 35.82 -0.49 -35.27
CA ALA A 451 36.85 -0.16 -36.24
C ALA A 451 37.39 1.25 -36.03
N SER A 452 36.53 2.21 -35.68
CA SER A 452 36.90 3.62 -35.61
C SER A 452 36.96 4.14 -34.17
N ALA A 453 37.23 3.26 -33.21
CA ALA A 453 37.29 3.66 -31.81
C ALA A 453 38.71 4.06 -31.39
N LYS A 454 39.36 4.91 -32.18
CA LYS A 454 40.69 5.40 -31.83
C LYS A 454 40.89 6.89 -32.06
N ASP A 455 40.01 7.57 -32.77
CA ASP A 455 40.24 8.97 -33.11
C ASP A 455 40.02 9.86 -31.90
N ASP A 456 40.20 11.17 -32.11
CA ASP A 456 40.24 12.11 -30.99
C ASP A 456 38.85 12.39 -30.43
N ARG A 457 37.80 12.25 -31.24
CA ARG A 457 36.46 12.61 -30.79
C ARG A 457 36.01 11.80 -29.58
N PHE A 458 36.52 10.58 -29.42
CA PHE A 458 36.17 9.73 -28.29
C PHE A 458 37.19 9.79 -27.17
N LEU A 459 38.25 10.58 -27.31
CA LEU A 459 39.36 10.54 -26.36
C LEU A 459 38.87 10.87 -24.94
N ASP A 460 38.05 11.91 -24.81
CA ASP A 460 37.50 12.25 -23.49
C ASP A 460 36.78 11.07 -22.86
N LEU A 461 35.99 10.34 -23.66
CA LEU A 461 35.30 9.17 -23.13
C LEU A 461 36.31 8.19 -22.55
N ARG A 462 37.43 7.98 -23.24
CA ARG A 462 38.48 7.11 -22.71
C ARG A 462 38.94 7.60 -21.34
N LYS A 463 39.18 8.90 -21.21
CA LYS A 463 39.62 9.44 -19.93
C LYS A 463 38.58 9.21 -18.84
N ALA A 464 37.31 9.10 -19.22
CA ALA A 464 36.25 8.90 -18.24
C ALA A 464 36.12 7.44 -17.82
N VAL A 465 36.72 6.50 -18.55
CA VAL A 465 36.57 5.09 -18.25
C VAL A 465 37.89 4.46 -17.79
N GLY A 466 38.91 5.28 -17.53
CA GLY A 466 40.18 4.78 -17.05
C GLY A 466 40.20 4.63 -15.54
N PHE A 467 41.39 4.39 -15.02
CA PHE A 467 41.59 4.25 -13.58
C PHE A 467 42.87 4.96 -13.16
N LYS A 468 42.78 5.75 -12.09
CA LYS A 468 43.93 6.46 -11.52
C LYS A 468 44.60 7.37 -12.54
N GLY A 469 43.80 8.00 -13.40
CA GLY A 469 44.30 8.93 -14.38
C GLY A 469 44.78 8.30 -15.68
N ASP A 470 44.93 6.98 -15.71
CA ASP A 470 45.32 6.31 -16.94
C ASP A 470 44.15 6.24 -17.93
N LEU A 471 44.49 6.06 -19.20
CA LEU A 471 43.48 5.94 -20.23
C LEU A 471 42.82 4.56 -20.18
N GLY A 472 41.63 4.48 -20.75
CA GLY A 472 40.89 3.23 -20.78
C GLY A 472 40.55 2.75 -22.19
N TYR A 473 39.77 1.69 -22.28
CA TYR A 473 39.37 1.10 -23.56
C TYR A 473 37.87 1.24 -23.72
N ILE A 474 37.43 1.72 -24.88
CA ILE A 474 36.02 1.89 -25.18
C ILE A 474 35.47 0.82 -26.11
N THR A 475 36.31 -0.13 -26.51
CA THR A 475 35.85 -1.28 -27.30
C THR A 475 36.82 -2.42 -27.06
N GLY A 476 36.32 -3.65 -27.18
CA GLY A 476 37.16 -4.80 -26.96
C GLY A 476 36.40 -6.09 -27.06
N ASN A 477 36.96 -7.14 -26.46
CA ASN A 477 36.36 -8.47 -26.48
C ASN A 477 36.17 -8.97 -25.05
N VAL A 478 35.09 -9.74 -24.85
CA VAL A 478 34.83 -10.32 -23.54
C VAL A 478 35.94 -11.29 -23.17
N THR A 479 36.31 -11.31 -21.90
CA THR A 479 37.47 -12.08 -21.46
C THR A 479 37.29 -13.56 -21.72
N ASN A 480 36.31 -14.19 -21.08
CA ASN A 480 36.09 -15.63 -21.22
C ASN A 480 35.15 -15.93 -22.39
N ALA A 481 35.47 -15.37 -23.55
CA ALA A 481 34.66 -15.57 -24.75
C ALA A 481 35.50 -15.17 -25.96
N LYS A 482 35.78 -16.12 -26.84
CA LYS A 482 36.60 -15.87 -28.01
C LYS A 482 35.78 -15.47 -29.22
N GLU A 483 34.50 -15.18 -29.04
CA GLU A 483 33.63 -14.77 -30.15
C GLU A 483 32.91 -13.47 -29.82
N LEU A 484 32.66 -13.23 -28.54
CA LEU A 484 31.93 -12.04 -28.11
C LEU A 484 32.80 -10.79 -28.24
N SER A 485 32.14 -9.64 -28.29
CA SER A 485 32.81 -8.35 -28.30
C SER A 485 31.90 -7.34 -27.61
N TRP A 486 32.50 -6.23 -27.18
CA TRP A 486 31.78 -5.25 -26.38
C TRP A 486 32.22 -3.84 -26.76
N ALA A 487 31.30 -2.89 -26.58
CA ALA A 487 31.59 -1.48 -26.83
C ALA A 487 30.78 -0.65 -25.85
N GLU A 488 31.14 0.62 -25.75
CA GLU A 488 30.43 1.56 -24.89
C GLU A 488 29.30 2.22 -25.68
N ALA A 489 28.09 2.19 -25.12
CA ALA A 489 26.92 2.72 -25.80
C ALA A 489 26.16 3.65 -24.85
N VAL A 490 25.05 4.18 -25.34
CA VAL A 490 24.17 5.01 -24.52
C VAL A 490 22.75 4.86 -25.04
N SER A 491 21.80 4.73 -24.12
CA SER A 491 20.39 4.61 -24.46
C SER A 491 19.76 5.99 -24.48
N ILE A 492 18.99 6.26 -25.54
CA ILE A 492 18.36 7.55 -25.78
C ILE A 492 16.85 7.34 -25.83
N ARG A 493 16.12 8.07 -25.00
CA ARG A 493 14.67 7.99 -24.97
C ARG A 493 14.07 9.38 -25.05
N LEU A 494 12.81 9.45 -25.48
CA LEU A 494 12.05 10.70 -25.53
C LEU A 494 10.86 10.58 -24.59
N GLU A 495 10.76 11.49 -23.63
CA GLU A 495 9.72 11.44 -22.61
C GLU A 495 8.98 12.77 -22.56
N GLU A 496 7.66 12.71 -22.51
CA GLU A 496 6.82 13.89 -22.35
C GLU A 496 6.42 14.00 -20.89
N ARG A 497 6.71 15.15 -20.28
CA ARG A 497 6.37 15.37 -18.89
C ARG A 497 6.04 16.83 -18.67
N GLY A 498 4.93 17.10 -17.97
CA GLY A 498 4.55 18.46 -17.65
C GLY A 498 4.30 19.34 -18.85
N GLY A 499 3.99 18.77 -20.00
CA GLY A 499 3.84 19.54 -21.20
C GLY A 499 5.12 19.91 -21.91
N LYS A 500 6.24 19.29 -21.54
CA LYS A 500 7.52 19.54 -22.17
C LYS A 500 8.15 18.23 -22.60
N LEU A 501 9.05 18.31 -23.56
CA LEU A 501 9.73 17.14 -24.11
C LEU A 501 11.15 17.08 -23.59
N TRP A 502 11.55 15.91 -23.10
CA TRP A 502 12.91 15.68 -22.63
C TRP A 502 13.51 14.49 -23.34
N ILE A 503 14.83 14.53 -23.50
CA ILE A 503 15.60 13.42 -24.04
C ILE A 503 16.41 12.83 -22.90
N MET A 504 16.16 11.57 -22.58
CA MET A 504 16.83 10.89 -21.49
C MET A 504 18.01 10.10 -22.03
N LEU A 505 19.17 10.30 -21.42
CA LEU A 505 20.42 9.67 -21.82
C LEU A 505 20.91 8.77 -20.69
N LYS A 506 21.31 7.55 -21.02
CA LYS A 506 21.83 6.65 -20.01
C LYS A 506 22.97 5.78 -20.56
N PRO A 507 24.20 5.97 -20.09
CA PRO A 507 25.32 5.17 -20.61
C PRO A 507 25.13 3.69 -20.29
N GLU A 508 25.62 2.84 -21.21
CA GLU A 508 25.44 1.40 -21.13
C GLU A 508 26.61 0.71 -21.84
N ILE A 509 26.59 -0.61 -21.86
CA ILE A 509 27.58 -1.42 -22.57
C ILE A 509 26.84 -2.34 -23.53
N TRP A 510 27.28 -2.35 -24.78
CA TRP A 510 26.63 -3.12 -25.84
C TRP A 510 27.48 -4.34 -26.17
N ILE A 511 26.82 -5.50 -26.28
CA ILE A 511 27.44 -6.76 -26.68
C ILE A 511 27.05 -7.03 -28.12
N LYS A 512 28.03 -7.41 -28.95
CA LYS A 512 27.80 -7.51 -30.39
C LYS A 512 26.71 -8.52 -30.77
N PRO A 513 26.76 -9.79 -30.32
CA PRO A 513 25.64 -10.70 -30.61
C PRO A 513 24.51 -10.48 -29.60
N LEU A 514 23.42 -9.90 -30.07
CA LEU A 514 22.34 -9.50 -29.16
C LEU A 514 21.75 -10.71 -28.44
N ASP A 515 21.57 -11.83 -29.16
CA ASP A 515 21.02 -13.02 -28.54
C ASP A 515 21.99 -13.69 -27.57
N ARG A 516 23.25 -13.25 -27.54
CA ARG A 516 24.28 -13.83 -26.69
C ARG A 516 24.75 -12.84 -25.62
N ARG A 517 23.81 -12.14 -24.99
CA ARG A 517 24.16 -11.17 -23.97
C ARG A 517 24.20 -11.75 -22.56
N GLU A 518 23.57 -12.90 -22.33
CA GLU A 518 23.62 -13.52 -21.01
C GLU A 518 24.96 -14.16 -20.71
N GLU A 519 25.83 -14.31 -21.72
CA GLU A 519 27.16 -14.87 -21.53
C GLU A 519 28.19 -13.83 -21.13
N ALA A 520 27.79 -12.56 -21.03
CA ALA A 520 28.70 -11.48 -20.66
C ALA A 520 28.16 -10.65 -19.51
N THR A 521 27.25 -11.21 -18.71
CA THR A 521 26.69 -10.45 -17.59
C THR A 521 27.74 -10.12 -16.55
N ASP A 522 28.60 -11.09 -16.20
CA ASP A 522 29.63 -10.85 -15.20
C ASP A 522 30.63 -9.81 -15.67
N PHE A 523 30.99 -9.84 -16.96
CA PHE A 523 31.90 -8.83 -17.50
C PHE A 523 31.30 -7.44 -17.37
N ILE A 524 30.02 -7.28 -17.69
CA ILE A 524 29.37 -5.98 -17.60
C ILE A 524 29.32 -5.52 -16.14
N ARG A 525 28.95 -6.42 -15.23
CA ARG A 525 28.87 -6.04 -13.82
C ARG A 525 30.23 -5.63 -13.28
N SER A 526 31.29 -6.34 -13.65
CA SER A 526 32.63 -5.95 -13.23
C SER A 526 33.02 -4.62 -13.85
N ARG A 527 32.67 -4.38 -15.11
CA ARG A 527 33.04 -3.14 -15.77
C ARG A 527 32.39 -1.94 -15.09
N ARG A 528 31.12 -2.05 -14.74
CA ARG A 528 30.43 -0.97 -14.02
C ARG A 528 30.21 -1.42 -12.58
N ARG A 529 31.22 -1.24 -11.75
CA ARG A 529 31.12 -1.49 -10.32
C ARG A 529 31.59 -0.31 -9.50
N TYR A 530 32.62 0.42 -9.95
CA TYR A 530 33.14 1.58 -9.26
C TYR A 530 32.86 2.86 -10.04
N ARG A 531 31.83 2.87 -10.88
CA ARG A 531 31.48 4.05 -11.67
C ARG A 531 30.61 4.98 -10.83
N PHE A 532 31.25 5.55 -9.80
CA PHE A 532 30.54 6.32 -8.79
C PHE A 532 30.21 7.71 -9.29
N ASN A 533 29.85 8.61 -8.38
CA ASN A 533 29.27 9.90 -8.76
C ASN A 533 30.16 10.69 -9.71
N GLN A 534 31.46 10.79 -9.40
CA GLN A 534 32.36 11.58 -10.23
C GLN A 534 32.60 10.93 -11.58
N CYS A 535 32.85 9.61 -11.59
CA CYS A 535 33.06 8.91 -12.85
C CYS A 535 31.82 8.96 -13.72
N SER A 536 30.64 8.79 -13.11
CA SER A 536 29.40 8.87 -13.88
C SER A 536 29.18 10.27 -14.42
N TYR A 537 29.49 11.29 -13.62
CA TYR A 537 29.41 12.67 -14.10
C TYR A 537 30.28 12.87 -15.33
N GLN A 538 31.52 12.39 -15.27
CA GLN A 538 32.44 12.55 -16.40
C GLN A 538 31.97 11.77 -17.62
N ILE A 539 31.46 10.55 -17.41
CA ILE A 539 30.98 9.74 -18.53
C ILE A 539 29.81 10.42 -19.22
N LEU A 540 28.86 10.94 -18.43
CA LEU A 540 27.71 11.63 -19.02
C LEU A 540 28.15 12.88 -19.76
N ASP A 541 29.09 13.65 -19.19
CA ASP A 541 29.57 14.85 -19.89
C ASP A 541 30.24 14.48 -21.21
N ALA A 542 31.08 13.43 -21.21
CA ALA A 542 31.75 13.02 -22.44
C ALA A 542 30.75 12.55 -23.49
N TRP A 543 29.74 11.80 -23.08
CA TRP A 543 28.73 11.35 -24.04
C TRP A 543 27.94 12.52 -24.61
N ILE A 544 27.58 13.49 -23.77
CA ILE A 544 26.85 14.65 -24.26
C ILE A 544 27.69 15.43 -25.25
N LYS A 545 28.98 15.59 -24.97
CA LYS A 545 29.86 16.28 -25.90
C LYS A 545 29.99 15.51 -27.21
N ILE A 546 30.06 14.18 -27.14
CA ILE A 546 30.18 13.36 -28.34
C ILE A 546 28.94 13.50 -29.22
N LEU A 547 27.77 13.40 -28.61
CA LEU A 547 26.54 13.35 -29.40
C LEU A 547 26.20 14.71 -29.99
N PHE A 548 26.30 15.78 -29.21
CA PHE A 548 25.87 17.10 -29.64
C PHE A 548 27.01 18.00 -30.08
N GLY A 549 28.22 17.46 -30.16
CA GLY A 549 29.34 18.22 -30.68
C GLY A 549 29.87 19.27 -29.73
N SER A 550 29.08 20.30 -29.47
CA SER A 550 29.50 21.38 -28.59
C SER A 550 29.58 20.87 -27.15
N ILE A 551 30.63 21.30 -26.44
CA ILE A 551 30.85 20.91 -25.06
C ILE A 551 29.82 21.57 -24.17
N GLY A 552 29.74 21.13 -22.90
CA GLY A 552 28.78 21.65 -21.97
C GLY A 552 28.85 23.16 -21.79
N GLY A 553 27.73 23.79 -21.46
CA GLY A 553 27.63 25.22 -21.36
C GLY A 553 27.06 25.91 -22.57
N GLY A 554 27.04 25.24 -23.72
CA GLY A 554 26.41 25.80 -24.89
C GLY A 554 24.90 25.86 -24.77
N GLY A 555 24.31 26.83 -25.46
CA GLY A 555 22.88 27.02 -25.37
C GLY A 555 22.08 25.93 -26.05
N THR A 556 22.15 25.87 -27.38
CA THR A 556 21.36 24.93 -28.15
C THR A 556 22.07 24.62 -29.46
N VAL A 557 21.68 23.51 -30.06
CA VAL A 557 22.16 23.10 -31.38
C VAL A 557 20.99 22.56 -32.18
N ASN A 558 20.93 22.94 -33.46
CA ASN A 558 19.85 22.50 -34.34
C ASN A 558 20.29 21.25 -35.10
N ILE A 559 19.46 20.22 -35.07
CA ILE A 559 19.73 18.96 -35.77
C ILE A 559 18.68 18.77 -36.85
N SER A 560 19.12 18.31 -38.02
CA SER A 560 18.26 18.16 -39.18
C SER A 560 18.18 16.72 -39.61
N CYS A 561 16.97 16.27 -39.94
CA CYS A 561 16.70 14.93 -40.43
C CYS A 561 16.22 15.03 -41.87
N PHE A 562 16.89 14.30 -42.76
CA PHE A 562 16.67 14.39 -44.20
C PHE A 562 16.79 15.84 -44.69
N PRO A 563 17.95 16.48 -44.48
CA PRO A 563 18.05 17.92 -44.82
C PRO A 563 17.80 18.23 -46.28
N ASP A 564 18.25 17.36 -47.19
CA ASP A 564 18.04 17.57 -48.63
C ASP A 564 16.81 16.81 -49.10
N ALA A 565 15.68 17.11 -48.46
CA ALA A 565 14.42 16.45 -48.77
C ALA A 565 13.29 17.45 -48.61
N GLU A 566 12.18 17.16 -49.30
CA GLU A 566 11.02 18.05 -49.26
C GLU A 566 10.45 18.14 -47.86
N PHE A 567 10.34 17.02 -47.16
CA PHE A 567 9.78 16.96 -45.82
C PHE A 567 10.89 16.55 -44.85
N LYS A 568 11.65 17.54 -44.38
CA LYS A 568 12.74 17.31 -43.44
C LYS A 568 12.22 17.44 -42.01
N ALA A 569 13.13 17.45 -41.05
CA ALA A 569 12.74 17.67 -39.65
C ALA A 569 13.84 18.44 -38.95
N GLU A 570 13.54 19.65 -38.52
CA GLU A 570 14.50 20.50 -37.82
C GLU A 570 14.16 20.52 -36.34
N PHE A 571 15.17 20.36 -35.49
CA PHE A 571 14.98 20.36 -34.05
C PHE A 571 16.01 21.26 -33.39
N GLU A 572 15.68 21.76 -32.21
CA GLU A 572 16.47 22.75 -31.49
C GLU A 572 16.76 22.27 -30.08
N ILE A 573 17.25 21.04 -29.97
CA ILE A 573 17.53 20.44 -28.68
C ILE A 573 18.55 21.25 -27.89
N GLY A 574 18.40 21.27 -26.58
CA GLY A 574 19.29 22.01 -25.70
C GLY A 574 20.36 21.11 -25.09
N THR A 575 21.57 21.65 -24.97
CA THR A 575 22.72 20.88 -24.53
C THR A 575 22.84 20.81 -23.01
N ARG A 576 22.52 21.89 -22.31
CA ARG A 576 22.62 21.89 -20.85
C ARG A 576 21.53 21.02 -20.25
N THR A 577 21.91 20.17 -19.31
CA THR A 577 20.98 19.24 -18.70
C THR A 577 20.21 19.92 -17.58
N ALA A 578 18.97 19.48 -17.37
CA ALA A 578 18.11 20.08 -16.35
C ALA A 578 18.69 19.86 -14.96
N PHE A 579 18.59 20.91 -14.13
CA PHE A 579 19.16 20.91 -12.79
C PHE A 579 18.22 21.66 -11.85
N SER A 580 18.49 21.55 -10.56
CA SER A 580 17.73 22.28 -9.56
C SER A 580 18.61 22.61 -8.37
N LEU A 581 18.24 23.67 -7.66
CA LEU A 581 18.92 24.09 -6.45
C LEU A 581 17.96 24.00 -5.26
N GLY A 582 18.52 23.99 -4.06
CA GLY A 582 17.71 23.88 -2.87
C GLY A 582 17.02 25.19 -2.50
N VAL A 583 15.95 25.07 -1.72
CA VAL A 583 15.16 26.22 -1.30
C VAL A 583 15.92 27.00 -0.24
N GLY A 584 16.05 28.31 -0.46
CA GLY A 584 16.72 29.18 0.50
C GLY A 584 18.19 28.85 0.68
N LEU B 5 14.07 27.20 -20.40
CA LEU B 5 15.37 26.91 -19.81
C LEU B 5 15.46 25.44 -19.37
N SER B 6 16.38 25.15 -18.47
CA SER B 6 16.57 23.83 -17.89
C SER B 6 16.66 23.91 -16.39
N GLN B 7 15.86 24.77 -15.77
CA GLN B 7 15.78 24.90 -14.33
C GLN B 7 14.57 24.12 -13.82
N LEU B 8 14.81 23.12 -12.98
CA LEU B 8 13.75 22.23 -12.52
C LEU B 8 13.20 22.69 -11.17
N ALA B 9 12.71 23.93 -11.15
CA ALA B 9 12.16 24.52 -9.93
C ALA B 9 13.17 24.42 -8.79
N ALA B 10 12.70 24.09 -7.59
CA ALA B 10 13.59 23.94 -6.44
C ALA B 10 13.24 22.66 -5.70
N HIS B 11 14.26 21.91 -5.31
CA HIS B 11 14.09 20.67 -4.58
C HIS B 11 14.25 20.91 -3.08
N SER B 12 13.77 19.95 -2.29
CA SER B 12 13.92 19.99 -0.85
C SER B 12 14.31 18.62 -0.36
N THR B 13 14.91 18.57 0.82
CA THR B 13 15.39 17.34 1.43
C THR B 13 14.64 17.09 2.72
N ILE B 14 14.14 15.86 2.87
CA ILE B 14 13.50 15.43 4.11
C ILE B 14 14.59 14.91 5.04
N PRO B 15 14.74 15.46 6.25
CA PRO B 15 15.79 14.98 7.15
C PRO B 15 15.56 13.53 7.53
N GLU B 16 16.66 12.83 7.81
CA GLU B 16 16.58 11.41 8.09
C GLU B 16 15.73 11.17 9.34
N PRO B 17 14.74 10.29 9.27
CA PRO B 17 13.87 10.07 10.44
C PRO B 17 14.64 9.52 11.63
N LEU B 18 14.19 9.90 12.82
CA LEU B 18 14.73 9.39 14.07
C LEU B 18 13.90 8.20 14.55
N LEU B 19 14.57 7.25 15.18
CA LEU B 19 13.92 6.10 15.77
C LEU B 19 13.95 6.20 17.28
N LEU B 20 12.96 5.59 17.93
CA LEU B 20 12.76 5.70 19.36
C LEU B 20 13.05 4.36 20.03
N PHE B 21 13.79 4.40 21.13
CA PHE B 21 14.24 3.19 21.82
C PHE B 21 13.86 3.24 23.30
N LYS B 22 14.43 2.34 24.09
CA LYS B 22 14.08 2.23 25.50
C LYS B 22 14.32 3.55 26.22
N ASP B 23 13.35 3.93 27.07
CA ASP B 23 13.38 5.18 27.84
C ASP B 23 13.35 6.42 26.94
N ASN B 24 12.72 6.30 25.77
CA ASN B 24 12.47 7.44 24.89
C ASN B 24 13.76 8.14 24.47
N ARG B 25 14.77 7.36 24.11
CA ARG B 25 15.99 7.90 23.52
C ARG B 25 15.93 7.74 22.01
N THR B 26 16.46 8.73 21.30
CA THR B 26 16.32 8.78 19.84
C THR B 26 17.65 8.52 19.16
N ASP B 27 17.59 7.76 18.07
CA ASP B 27 18.77 7.49 17.24
C ASP B 27 18.31 7.10 15.84
N THR B 28 19.07 7.54 14.83
CA THR B 28 18.76 7.21 13.45
C THR B 28 19.29 5.84 13.03
N HIS B 29 20.33 5.35 13.69
CA HIS B 29 20.90 4.05 13.36
C HIS B 29 20.21 2.97 14.17
N PRO B 30 19.53 2.01 13.53
CA PRO B 30 18.77 1.02 14.31
C PRO B 30 19.65 0.11 15.16
N LEU B 31 20.72 -0.44 14.57
CA LEU B 31 21.55 -1.38 15.31
C LEU B 31 22.34 -0.68 16.42
N ARG B 32 22.87 0.51 16.14
CA ARG B 32 23.58 1.26 17.17
C ARG B 32 22.64 1.64 18.30
N GLY B 33 21.43 2.08 17.98
CA GLY B 33 20.47 2.39 19.02
C GLY B 33 20.09 1.18 19.85
N LEU B 34 19.88 0.03 19.22
CA LEU B 34 19.59 -1.18 19.96
C LEU B 34 20.76 -1.59 20.85
N SER B 35 21.99 -1.35 20.39
CA SER B 35 23.16 -1.71 21.19
C SER B 35 23.30 -0.81 22.41
N GLN B 36 23.08 0.50 22.24
CA GLN B 36 23.32 1.41 23.34
C GLN B 36 22.13 1.48 24.31
N TYR B 37 20.93 1.69 23.78
CA TYR B 37 19.76 1.91 24.62
C TYR B 37 18.93 0.66 24.85
N GLY B 38 18.68 -0.14 23.81
CA GLY B 38 17.88 -1.33 23.95
C GLY B 38 16.56 -1.21 23.21
N PRO B 39 15.80 -2.29 23.16
CA PRO B 39 14.53 -2.27 22.42
C PRO B 39 13.49 -1.41 23.11
N TYR B 40 12.51 -0.97 22.32
CA TYR B 40 11.43 -0.14 22.84
C TYR B 40 10.58 -0.90 23.84
N SER B 41 10.37 -2.20 23.62
CA SER B 41 9.53 -3.00 24.49
C SER B 41 10.14 -3.25 25.87
N ALA B 42 11.43 -2.97 26.05
CA ALA B 42 12.07 -3.24 27.33
C ALA B 42 11.56 -2.34 28.44
N CYS B 43 10.91 -1.22 28.10
CA CYS B 43 10.43 -0.29 29.12
C CYS B 43 9.37 -0.94 30.00
N PHE B 44 8.45 -1.70 29.41
CA PHE B 44 7.37 -2.33 30.16
C PHE B 44 7.44 -3.86 30.14
N ASN B 45 8.52 -4.42 29.60
CA ASN B 45 8.76 -5.87 29.61
C ASN B 45 7.61 -6.61 28.92
N LEU B 46 7.43 -6.34 27.62
CA LEU B 46 6.36 -7.00 26.88
C LEU B 46 6.66 -8.48 26.65
N PRO B 47 7.79 -8.86 26.00
CA PRO B 47 8.12 -10.29 25.98
C PRO B 47 8.95 -10.69 27.18
N GLY B 48 8.42 -11.60 28.01
CA GLY B 48 9.17 -12.03 29.17
C GLY B 48 10.44 -12.79 28.82
N GLN B 49 10.36 -13.63 27.79
CA GLN B 49 11.51 -14.41 27.33
C GLN B 49 11.24 -14.84 25.89
N VAL B 50 12.28 -15.35 25.25
CA VAL B 50 12.19 -15.90 23.90
C VAL B 50 12.59 -17.37 23.99
N ARG B 51 11.61 -18.25 23.91
CA ARG B 51 11.84 -19.70 23.95
C ARG B 51 11.68 -20.28 22.56
N LEU B 52 12.64 -21.09 22.14
CA LEU B 52 12.67 -21.66 20.81
C LEU B 52 12.43 -23.17 20.85
N ALA B 53 11.97 -23.70 19.73
CA ALA B 53 11.86 -25.14 19.53
C ALA B 53 12.34 -25.46 18.11
N TYR B 54 12.81 -26.69 17.94
CA TYR B 54 13.39 -27.13 16.67
C TYR B 54 12.44 -28.05 15.93
N LEU B 55 12.55 -28.03 14.60
CA LEU B 55 11.80 -28.94 13.73
C LEU B 55 12.66 -29.18 12.49
N ALA B 56 13.41 -30.27 12.49
CA ALA B 56 14.36 -30.57 11.42
C ALA B 56 14.83 -32.01 11.59
N PRO B 57 15.41 -32.60 10.54
CA PRO B 57 15.99 -33.95 10.69
C PRO B 57 17.16 -33.95 11.66
N THR B 58 17.36 -35.10 12.32
CA THR B 58 18.42 -35.21 13.32
C THR B 58 19.80 -35.03 12.70
N GLU B 59 20.03 -35.63 11.52
CA GLU B 59 21.30 -35.44 10.83
C GLU B 59 21.54 -33.97 10.49
N HIS B 60 20.49 -33.16 10.42
CA HIS B 60 20.62 -31.73 10.24
C HIS B 60 20.16 -30.94 11.47
N MET B 61 19.89 -31.63 12.59
CA MET B 61 19.48 -30.92 13.80
C MET B 61 20.65 -30.19 14.43
N ARG B 62 21.80 -30.85 14.54
CA ARG B 62 22.93 -30.29 15.27
C ARG B 62 23.31 -28.91 14.73
N LYS B 63 23.44 -28.78 13.42
CA LYS B 63 23.79 -27.49 12.83
C LYS B 63 22.79 -26.42 13.22
N LEU B 64 21.49 -26.76 13.21
CA LEU B 64 20.49 -25.81 13.69
C LEU B 64 20.79 -25.38 15.11
N ASP B 65 21.04 -26.35 15.99
CA ASP B 65 21.44 -26.04 17.36
C ASP B 65 22.63 -25.08 17.37
N ALA B 66 23.58 -25.31 16.47
CA ALA B 66 24.77 -24.47 16.42
C ALA B 66 24.40 -23.00 16.28
N ILE B 67 23.42 -22.70 15.42
CA ILE B 67 23.10 -21.29 15.18
C ILE B 67 22.58 -20.64 16.47
N VAL B 68 21.84 -21.40 17.28
CA VAL B 68 21.36 -20.85 18.53
C VAL B 68 22.53 -20.52 19.45
N ARG B 69 23.54 -21.40 19.47
CA ARG B 69 24.73 -21.11 20.27
C ARG B 69 25.45 -19.87 19.74
N GLU B 70 25.27 -19.56 18.47
CA GLU B 70 25.88 -18.36 17.90
C GLU B 70 25.05 -17.12 18.17
N LEU B 71 23.79 -17.27 18.57
CA LEU B 71 22.91 -16.14 18.82
C LEU B 71 22.99 -15.60 20.24
N GLN B 72 23.77 -16.25 21.10
CA GLN B 72 23.96 -15.77 22.47
C GLN B 72 25.43 -15.47 22.77
N ASN B 73 26.23 -15.29 21.72
CA ASN B 73 27.64 -14.92 21.82
C ASN B 73 27.92 -13.77 20.88
N PRO B 74 28.93 -12.96 21.18
CA PRO B 74 29.21 -11.78 20.34
C PRO B 74 29.75 -12.17 18.97
N ALA B 75 29.73 -11.20 18.07
CA ALA B 75 30.26 -11.37 16.72
C ALA B 75 30.76 -10.03 16.21
N THR B 76 31.64 -10.08 15.22
CA THR B 76 32.25 -8.88 14.66
C THR B 76 32.04 -8.86 13.15
N PRO B 77 31.62 -7.72 12.60
CA PRO B 77 31.33 -7.66 11.15
C PRO B 77 32.61 -7.74 10.33
N LYS B 78 32.62 -8.65 9.35
CA LYS B 78 33.72 -8.79 8.41
C LYS B 78 33.48 -8.10 7.09
N GLU B 79 32.22 -7.82 6.74
CA GLU B 79 31.87 -7.09 5.54
C GLU B 79 30.97 -5.92 5.92
N ALA B 80 30.95 -4.91 5.04
CA ALA B 80 30.12 -3.72 5.25
C ALA B 80 30.40 -3.08 6.60
N THR B 81 31.67 -3.02 6.97
CA THR B 81 32.09 -2.56 8.29
C THR B 81 31.85 -1.08 8.49
N ASN B 82 31.48 -0.33 7.44
CA ASN B 82 31.17 1.09 7.61
C ASN B 82 29.85 1.31 8.33
N TYR B 83 28.93 0.36 8.26
CA TYR B 83 27.60 0.49 8.85
C TYR B 83 27.34 -0.47 10.00
N TYR B 84 27.72 -1.73 9.87
CA TYR B 84 27.39 -2.72 10.88
C TYR B 84 28.22 -2.52 12.14
N VAL B 85 27.58 -2.69 13.28
CA VAL B 85 28.24 -2.56 14.58
C VAL B 85 28.45 -3.96 15.16
N GLU B 86 29.18 -4.02 16.27
CA GLU B 86 29.47 -5.30 16.89
C GLU B 86 28.21 -5.86 17.56
N TYR B 87 27.94 -7.14 17.31
CA TYR B 87 26.86 -7.84 17.98
C TYR B 87 27.32 -8.26 19.38
N GLY B 88 26.48 -8.01 20.38
CA GLY B 88 26.86 -8.26 21.76
C GLY B 88 26.26 -9.49 22.40
N GLY B 89 25.40 -10.22 21.71
CA GLY B 89 24.68 -11.32 22.30
C GLY B 89 23.22 -10.96 22.55
N PHE B 90 22.39 -11.99 22.71
CA PHE B 90 20.95 -11.74 22.84
C PHE B 90 20.61 -11.12 24.19
N GLU B 91 21.17 -11.64 25.28
CA GLU B 91 20.92 -11.00 26.56
C GLU B 91 21.97 -9.92 26.85
N LYS B 92 22.24 -9.09 25.85
CA LYS B 92 22.93 -7.82 26.03
C LYS B 92 22.34 -6.70 25.20
N VAL B 93 21.65 -7.01 24.10
CA VAL B 93 21.02 -6.02 23.25
C VAL B 93 19.54 -5.89 23.52
N PHE B 94 18.85 -7.03 23.67
CA PHE B 94 17.41 -7.04 23.88
C PHE B 94 17.02 -7.23 25.35
N LYS B 95 18.00 -7.29 26.25
CA LYS B 95 17.80 -7.38 27.69
C LYS B 95 16.94 -8.57 28.11
N VAL B 96 16.77 -9.56 27.23
CA VAL B 96 15.92 -10.71 27.53
C VAL B 96 16.65 -11.99 27.15
N PRO B 97 16.67 -13.00 28.01
CA PRO B 97 17.41 -14.22 27.71
C PRO B 97 16.80 -14.99 26.54
N LEU B 98 17.66 -15.68 25.80
CA LEU B 98 17.25 -16.55 24.72
C LEU B 98 17.31 -17.99 25.22
N VAL B 99 16.14 -18.58 25.45
CA VAL B 99 16.02 -19.86 26.15
C VAL B 99 16.07 -20.99 25.15
N MET B 100 16.97 -21.94 25.39
CA MET B 100 17.12 -23.10 24.53
C MET B 100 15.95 -24.07 24.71
N PRO B 101 15.67 -24.88 23.70
CA PRO B 101 14.61 -25.88 23.84
C PRO B 101 15.00 -26.99 24.80
N GLN B 102 13.99 -27.64 25.35
CA GLN B 102 14.16 -28.76 26.25
C GLN B 102 14.08 -30.07 25.47
N GLU B 103 14.02 -31.20 26.19
CA GLU B 103 14.00 -32.50 25.52
C GLU B 103 12.69 -32.73 24.78
N HIS B 104 11.58 -32.21 25.30
CA HIS B 104 10.27 -32.41 24.68
C HIS B 104 9.98 -31.40 23.58
N LEU B 105 10.87 -30.44 23.33
CA LEU B 105 10.64 -29.47 22.27
C LEU B 105 11.69 -29.63 21.18
N ARG B 106 11.97 -30.86 20.80
CA ARG B 106 12.98 -31.22 19.80
C ARG B 106 12.37 -32.14 18.75
N CYS B 107 11.22 -31.74 18.22
CA CYS B 107 10.46 -32.60 17.32
C CYS B 107 11.26 -32.93 16.07
N LEU B 108 10.92 -34.06 15.46
CA LEU B 108 11.65 -34.61 14.33
C LEU B 108 10.68 -35.12 13.28
N ALA B 109 11.17 -35.25 12.05
CA ALA B 109 10.41 -35.80 10.92
C ALA B 109 11.29 -36.74 10.11
N LEU B 110 12.01 -37.63 10.79
CA LEU B 110 13.13 -38.34 10.19
C LEU B 110 12.70 -39.18 8.98
N ASP B 111 11.69 -40.03 9.16
CA ASP B 111 11.29 -40.91 8.07
C ASP B 111 10.61 -40.14 6.94
N GLU B 112 10.10 -38.95 7.22
CA GLU B 112 9.33 -38.19 6.24
C GLU B 112 10.16 -37.13 5.52
N CYS B 113 11.46 -37.03 5.80
CA CYS B 113 12.26 -35.92 5.28
C CYS B 113 13.07 -36.33 4.05
N HIS B 114 13.92 -37.37 4.18
CA HIS B 114 14.78 -37.76 3.08
C HIS B 114 13.99 -38.40 1.94
N GLY B 115 12.81 -38.95 2.23
CA GLY B 115 11.97 -39.47 1.16
C GLY B 115 11.52 -38.38 0.21
N VAL B 116 11.03 -37.27 0.75
CA VAL B 116 10.63 -36.15 -0.10
C VAL B 116 11.86 -35.43 -0.64
N ALA B 117 12.99 -35.56 0.05
CA ALA B 117 14.25 -35.04 -0.51
C ALA B 117 14.59 -35.75 -1.81
N ALA B 118 14.50 -37.09 -1.80
CA ALA B 118 14.76 -37.88 -3.00
C ALA B 118 13.61 -37.84 -4.00
N ASN B 119 12.43 -37.40 -3.58
CA ASN B 119 11.30 -37.26 -4.48
C ASN B 119 11.12 -35.80 -4.89
N GLY B 120 10.05 -35.51 -5.62
CA GLY B 120 9.74 -34.16 -6.04
C GLY B 120 8.38 -33.71 -5.54
N ASN B 121 8.07 -34.09 -4.31
CA ASN B 121 6.74 -33.88 -3.75
C ASN B 121 6.44 -32.40 -3.53
N GLY B 122 5.16 -32.05 -3.67
CA GLY B 122 4.70 -30.69 -3.48
C GLY B 122 3.80 -30.50 -2.28
N LEU B 123 2.50 -30.51 -2.52
CA LEU B 123 1.52 -30.23 -1.46
C LEU B 123 1.61 -31.24 -0.32
N ALA B 124 1.80 -32.53 -0.65
CA ALA B 124 1.86 -33.54 0.38
C ALA B 124 3.01 -33.30 1.35
N LEU B 125 4.14 -32.79 0.84
CA LEU B 125 5.24 -32.41 1.73
C LEU B 125 4.78 -31.37 2.74
N ALA B 126 4.10 -30.32 2.26
CA ALA B 126 3.68 -29.25 3.16
C ALA B 126 2.66 -29.73 4.18
N ASP B 127 1.67 -30.51 3.75
CA ASP B 127 0.64 -30.93 4.70
C ASP B 127 1.20 -31.96 5.70
N LYS B 128 2.14 -32.81 5.26
CA LYS B 128 2.80 -33.71 6.19
C LYS B 128 3.66 -32.95 7.20
N ILE B 129 4.34 -31.89 6.74
CA ILE B 129 5.12 -31.07 7.67
C ILE B 129 4.20 -30.43 8.70
N VAL B 130 3.06 -29.89 8.26
CA VAL B 130 2.13 -29.25 9.18
C VAL B 130 1.54 -30.28 10.15
N GLN B 131 1.26 -31.49 9.66
CA GLN B 131 0.77 -32.55 10.53
C GLN B 131 1.80 -32.91 11.59
N SER B 132 3.07 -33.00 11.20
CA SER B 132 4.13 -33.26 12.17
C SER B 132 4.21 -32.14 13.20
N MET B 133 4.06 -30.88 12.74
CA MET B 133 4.05 -29.74 13.64
C MET B 133 2.79 -29.66 14.49
N SER B 134 1.77 -30.47 14.18
CA SER B 134 0.52 -30.47 14.94
C SER B 134 0.56 -31.36 16.18
N GLY B 135 1.66 -32.10 16.39
CA GLY B 135 1.73 -32.99 17.54
C GLY B 135 1.81 -32.27 18.88
N LEU B 136 2.20 -31.00 18.87
CA LEU B 136 2.27 -30.19 20.07
C LEU B 136 1.10 -29.22 20.19
N PHE B 137 -0.05 -29.58 19.61
CA PHE B 137 -1.17 -28.64 19.53
C PHE B 137 -1.69 -28.26 20.91
N ARG B 138 -1.54 -29.13 21.90
CA ARG B 138 -2.00 -28.81 23.24
C ARG B 138 -0.96 -27.96 23.99
N GLN B 139 0.24 -28.52 24.18
CA GLN B 139 1.30 -27.84 24.94
C GLN B 139 1.93 -26.75 24.06
N LYS B 140 1.14 -25.71 23.80
CA LYS B 140 1.60 -24.56 23.03
C LYS B 140 2.10 -23.43 23.91
N HIS B 141 2.14 -23.61 25.23
CA HIS B 141 2.68 -22.63 26.15
C HIS B 141 4.09 -23.01 26.60
N ALA B 142 4.85 -23.65 25.73
CA ALA B 142 6.22 -24.05 26.04
C ALA B 142 7.28 -23.29 25.25
N PHE B 143 6.88 -22.57 24.19
CA PHE B 143 7.84 -21.82 23.40
C PHE B 143 7.13 -20.65 22.73
N ASP B 144 7.94 -19.71 22.23
CA ASP B 144 7.42 -18.51 21.58
C ASP B 144 7.56 -18.55 20.07
N VAL B 145 8.73 -18.92 19.57
CA VAL B 145 8.99 -19.00 18.13
C VAL B 145 9.57 -20.37 17.81
N LEU B 146 9.20 -20.94 16.67
CA LEU B 146 9.80 -22.24 16.24
C LEU B 146 10.90 -21.99 15.20
N LEU B 147 11.99 -22.75 15.25
CA LEU B 147 13.06 -22.64 14.23
C LEU B 147 13.00 -23.90 13.35
N VAL B 148 12.62 -23.76 12.09
CA VAL B 148 12.44 -24.94 11.19
C VAL B 148 13.54 -24.92 10.12
N TYR B 149 14.19 -26.05 9.89
CA TYR B 149 15.30 -26.12 8.90
C TYR B 149 14.88 -26.92 7.69
N LEU B 150 14.74 -26.27 6.52
CA LEU B 150 14.42 -27.02 5.28
C LEU B 150 15.76 -27.35 4.61
N PRO B 151 16.16 -28.64 4.51
CA PRO B 151 17.48 -29.00 3.97
C PRO B 151 17.69 -28.59 2.51
N ALA B 152 18.94 -28.68 2.04
CA ALA B 152 19.27 -28.31 0.63
C ALA B 152 18.71 -29.35 -0.33
N SER B 153 18.35 -30.55 0.14
CA SER B 153 17.69 -31.55 -0.75
C SER B 153 16.22 -31.15 -0.94
N TRP B 154 15.57 -30.61 0.07
CA TRP B 154 14.14 -30.31 -0.15
C TRP B 154 14.00 -29.23 -1.23
N LYS B 155 15.09 -28.85 -1.89
CA LYS B 155 15.05 -27.73 -2.88
C LYS B 155 14.12 -28.09 -4.04
N LYS B 156 14.11 -29.37 -4.44
CA LYS B 156 13.27 -29.82 -5.58
C LYS B 156 11.79 -29.55 -5.27
N CYS B 157 11.36 -29.82 -4.04
CA CYS B 157 9.96 -29.58 -3.62
C CYS B 157 9.76 -28.08 -3.45
N PHE B 158 10.77 -27.40 -2.90
CA PHE B 158 10.73 -25.92 -2.73
C PHE B 158 9.76 -25.28 -3.71
N GLU B 159 9.93 -25.41 -5.04
CA GLU B 159 8.89 -24.82 -5.86
C GLU B 159 9.13 -25.23 -7.30
N TYR B 160 8.05 -25.30 -8.09
CA TYR B 160 8.17 -25.62 -9.50
C TYR B 160 6.94 -25.06 -10.22
N ASP B 161 7.12 -23.91 -10.88
CA ASP B 161 6.08 -23.28 -11.69
C ASP B 161 4.76 -23.15 -10.91
N GLY B 162 4.81 -22.34 -9.85
CA GLY B 162 3.64 -22.17 -9.02
C GLY B 162 3.88 -22.42 -7.54
N PHE B 163 3.31 -23.51 -7.03
CA PHE B 163 3.30 -23.84 -5.61
C PHE B 163 4.62 -23.54 -4.92
N ASP B 164 4.55 -22.85 -3.79
CA ASP B 164 5.70 -22.45 -3.00
C ASP B 164 5.62 -23.13 -1.63
N LEU B 165 6.72 -23.77 -1.23
CA LEU B 165 6.72 -24.52 0.03
C LEU B 165 6.67 -23.58 1.23
N HIS B 166 7.51 -22.55 1.24
CA HIS B 166 7.57 -21.63 2.37
C HIS B 166 6.26 -20.87 2.54
N ASP B 167 5.70 -20.37 1.45
CA ASP B 167 4.45 -19.63 1.52
C ASP B 167 3.32 -20.51 2.04
N ARG B 168 3.23 -21.74 1.55
CA ARG B 168 2.14 -22.61 1.96
C ARG B 168 2.31 -23.08 3.40
N ILE B 169 3.55 -23.30 3.84
CA ILE B 169 3.79 -23.63 5.24
C ILE B 169 3.35 -22.50 6.14
N LYS B 170 3.73 -21.25 5.78
CA LYS B 170 3.31 -20.11 6.57
C LYS B 170 1.79 -19.95 6.57
N ALA B 171 1.16 -20.22 5.43
CA ALA B 171 -0.30 -20.11 5.34
C ALA B 171 -0.99 -21.12 6.25
N LYS B 172 -0.52 -22.37 6.23
CA LYS B 172 -1.11 -23.40 7.09
C LYS B 172 -0.78 -23.19 8.56
N VAL B 173 0.31 -22.48 8.86
CA VAL B 173 0.71 -22.29 10.25
C VAL B 173 0.05 -21.06 10.88
N ALA B 174 -0.31 -20.06 10.08
CA ALA B 174 -0.97 -18.87 10.61
C ALA B 174 -2.20 -19.16 11.46
N PRO B 175 -3.13 -20.03 11.06
CA PRO B 175 -4.28 -20.30 11.94
C PRO B 175 -3.89 -20.99 13.24
N LEU B 176 -2.72 -21.62 13.30
CA LEU B 176 -2.28 -22.33 14.49
C LEU B 176 -1.64 -21.42 15.54
N ASN B 177 -1.42 -20.16 15.20
CA ASN B 177 -0.92 -19.15 16.15
C ASN B 177 0.45 -19.56 16.72
N LEU B 178 1.43 -19.66 15.83
CA LEU B 178 2.80 -19.90 16.23
C LEU B 178 3.76 -19.35 15.19
N PRO B 179 4.60 -18.39 15.54
CA PRO B 179 5.54 -17.84 14.56
C PRO B 179 6.59 -18.87 14.15
N ILE B 180 7.12 -18.71 12.95
CA ILE B 180 8.07 -19.64 12.38
C ILE B 180 9.25 -18.87 11.78
N GLN B 181 10.45 -19.35 12.05
CA GLN B 181 11.67 -18.86 11.43
C GLN B 181 12.30 -20.00 10.66
N ILE B 182 12.44 -19.84 9.34
CA ILE B 182 12.97 -20.86 8.45
C ILE B 182 14.45 -20.57 8.23
N ILE B 183 15.28 -21.58 8.45
CA ILE B 183 16.73 -21.47 8.27
C ILE B 183 17.12 -22.36 7.10
N ASN B 184 17.69 -21.74 6.07
CA ASN B 184 18.20 -22.47 4.91
C ASN B 184 19.71 -22.64 5.06
N ASP B 185 20.37 -23.11 4.00
CA ASP B 185 21.82 -23.25 4.01
C ASP B 185 22.54 -21.91 3.84
N THR B 186 21.82 -20.85 3.47
CA THR B 186 22.45 -19.54 3.32
C THR B 186 22.74 -18.88 4.66
N ALA B 187 21.88 -19.07 5.65
CA ALA B 187 22.10 -18.47 6.96
C ALA B 187 23.31 -19.06 7.66
N LEU B 188 23.69 -20.30 7.32
CA LEU B 188 24.83 -20.97 7.92
C LEU B 188 26.11 -20.77 7.11
N THR B 189 26.19 -19.69 6.35
CA THR B 189 27.30 -19.41 5.43
C THR B 189 27.44 -17.90 5.36
N ARG B 190 28.06 -17.39 4.29
CA ARG B 190 28.25 -15.99 3.94
C ARG B 190 29.46 -15.37 4.62
N GLN B 191 30.16 -16.07 5.50
CA GLN B 191 31.45 -15.64 6.05
C GLN B 191 31.37 -14.33 6.81
N CYS B 192 30.18 -13.77 6.95
CA CYS B 192 29.95 -12.56 7.75
C CYS B 192 28.89 -12.89 8.78
N ARG B 193 29.33 -13.27 9.98
CA ARG B 193 28.41 -13.77 10.99
C ARG B 193 27.57 -12.65 11.59
N ALA B 194 28.13 -11.45 11.74
CA ALA B 194 27.39 -10.37 12.37
C ALA B 194 26.15 -9.99 11.59
N ASN B 195 26.22 -10.04 10.27
CA ASN B 195 25.03 -9.75 9.45
C ASN B 195 23.91 -10.72 9.78
N VAL B 196 24.20 -12.02 9.78
CA VAL B 196 23.17 -13.02 10.04
C VAL B 196 22.65 -12.90 11.46
N MET B 197 23.55 -12.64 12.42
CA MET B 197 23.12 -12.50 13.81
C MET B 197 22.18 -11.31 13.98
N TRP B 198 22.55 -10.16 13.41
CA TRP B 198 21.70 -8.98 13.52
C TRP B 198 20.38 -9.17 12.79
N GLY B 199 20.38 -9.95 11.70
CA GLY B 199 19.14 -10.18 10.98
C GLY B 199 18.21 -11.17 11.64
N VAL B 200 18.76 -12.16 12.34
CA VAL B 200 17.92 -13.18 12.96
C VAL B 200 17.47 -12.80 14.36
N SER B 201 18.32 -12.12 15.14
CA SER B 201 17.94 -11.75 16.49
C SER B 201 16.78 -10.77 16.50
N VAL B 202 16.82 -9.75 15.63
CA VAL B 202 15.73 -8.78 15.56
C VAL B 202 14.44 -9.45 15.11
N ALA B 203 14.53 -10.36 14.14
CA ALA B 203 13.35 -11.07 13.68
C ALA B 203 12.76 -11.93 14.78
N LEU B 204 13.61 -12.63 15.54
CA LEU B 204 13.12 -13.48 16.62
C LEU B 204 12.47 -12.64 17.73
N TYR B 205 13.08 -11.50 18.05
CA TYR B 205 12.48 -10.62 19.06
C TYR B 205 11.13 -10.09 18.60
N ALA B 206 11.02 -9.69 17.33
CA ALA B 206 9.74 -9.20 16.81
C ALA B 206 8.70 -10.31 16.81
N LYS B 207 9.07 -11.51 16.38
CA LYS B 207 8.12 -12.62 16.34
C LYS B 207 7.73 -13.09 17.73
N ALA B 208 8.57 -12.87 18.74
CA ALA B 208 8.21 -13.26 20.10
C ALA B 208 7.10 -12.39 20.67
N GLY B 209 6.96 -11.17 20.17
CA GLY B 209 5.92 -10.28 20.64
C GLY B 209 6.43 -8.90 21.02
N GLY B 210 7.67 -8.58 20.64
CA GLY B 210 8.29 -7.33 20.99
C GLY B 210 8.15 -6.27 19.91
N ILE B 211 8.61 -5.07 20.26
CA ILE B 211 8.67 -3.94 19.34
C ILE B 211 10.10 -3.41 19.36
N PRO B 212 10.98 -3.89 18.47
CA PRO B 212 12.41 -3.51 18.57
C PRO B 212 12.67 -2.01 18.58
N TRP B 213 11.98 -1.25 17.74
CA TRP B 213 12.10 0.21 17.77
C TRP B 213 10.81 0.82 17.24
N LYS B 214 10.78 2.15 17.18
CA LYS B 214 9.58 2.89 16.84
C LYS B 214 10.01 4.23 16.26
N LEU B 215 9.06 4.90 15.61
CA LEU B 215 9.32 6.21 15.02
C LEU B 215 9.15 7.31 16.06
N ALA B 216 10.08 8.26 16.05
CA ALA B 216 10.08 9.31 17.07
C ALA B 216 8.99 10.34 16.82
N ASP B 217 8.72 10.67 15.55
CA ASP B 217 7.70 11.65 15.20
C ASP B 217 6.36 10.93 15.07
N TRP B 218 5.72 10.70 16.22
CA TRP B 218 4.49 9.92 16.28
C TRP B 218 3.27 10.75 16.65
N ASP B 219 3.43 12.05 16.90
CA ASP B 219 2.33 12.88 17.37
C ASP B 219 1.65 13.60 16.20
N LYS B 220 1.08 12.79 15.30
CA LYS B 220 0.31 13.31 14.18
C LYS B 220 -0.99 12.52 14.05
N ASP B 221 -1.99 13.16 13.46
CA ASP B 221 -3.30 12.55 13.25
C ASP B 221 -3.42 12.03 11.82
N GLU B 222 -2.75 10.90 11.58
CA GLU B 222 -2.70 10.33 10.23
C GLU B 222 -2.74 8.81 10.32
N ALA B 223 -3.03 8.19 9.18
CA ALA B 223 -2.99 6.75 9.04
C ALA B 223 -2.61 6.42 7.61
N TYR B 224 -2.10 5.20 7.40
CA TYR B 224 -1.55 4.82 6.11
C TYR B 224 -2.06 3.45 5.69
N ILE B 225 -2.46 3.34 4.42
CA ILE B 225 -3.01 2.12 3.84
C ILE B 225 -2.26 1.81 2.56
N GLY B 226 -2.03 0.53 2.31
CA GLY B 226 -1.35 0.09 1.11
C GLY B 226 -2.15 -0.99 0.39
N LEU B 227 -2.04 -0.97 -0.94
CA LEU B 227 -2.74 -1.91 -1.80
C LEU B 227 -1.79 -2.44 -2.86
N SER B 228 -1.71 -3.76 -2.99
CA SER B 228 -0.85 -4.38 -3.98
C SER B 228 -1.51 -5.66 -4.49
N TYR B 229 -1.03 -6.14 -5.63
CA TYR B 229 -1.63 -7.29 -6.30
C TYR B 229 -0.57 -8.34 -6.57
N ALA B 230 -1.03 -9.51 -7.02
CA ALA B 230 -0.16 -10.64 -7.33
C ALA B 230 -0.88 -11.56 -8.31
N ILE B 231 -0.14 -12.07 -9.29
CA ILE B 231 -0.70 -12.97 -10.29
C ILE B 231 -0.71 -14.39 -9.74
N LYS B 232 -1.84 -15.07 -9.88
CA LYS B 232 -2.02 -16.42 -9.36
C LYS B 232 -1.53 -17.50 -10.31
N LYS B 233 -1.75 -17.34 -11.61
CA LYS B 233 -1.25 -18.26 -12.63
C LYS B 233 -1.67 -19.71 -12.35
N ASN B 234 -2.98 -19.95 -12.37
CA ASN B 234 -3.47 -21.32 -12.28
C ASN B 234 -3.10 -22.09 -13.54
N ALA B 235 -2.99 -23.42 -13.40
CA ALA B 235 -2.60 -24.28 -14.52
C ALA B 235 -3.79 -24.40 -15.48
N GLU B 236 -4.01 -23.32 -16.21
CA GLU B 236 -5.16 -23.22 -17.12
C GLU B 236 -4.88 -22.09 -18.11
N GLY B 237 -5.91 -21.68 -18.84
CA GLY B 237 -5.76 -20.62 -19.81
C GLY B 237 -6.14 -19.25 -19.28
N GLN B 238 -6.14 -19.10 -17.96
CA GLN B 238 -6.52 -17.84 -17.33
C GLN B 238 -5.39 -17.28 -16.46
N GLU B 239 -5.66 -16.18 -15.78
CA GLU B 239 -4.65 -15.54 -14.93
C GLU B 239 -5.39 -14.75 -13.85
N TYR B 240 -5.44 -15.32 -12.64
CA TYR B 240 -6.12 -14.65 -11.53
C TYR B 240 -5.22 -13.56 -10.95
N THR B 241 -5.86 -12.65 -10.22
CA THR B 241 -5.18 -11.55 -9.54
C THR B 241 -5.77 -11.40 -8.15
N THR B 242 -4.91 -11.19 -7.15
CA THR B 242 -5.32 -11.07 -5.77
C THR B 242 -4.71 -9.82 -5.14
N CYS B 243 -5.45 -9.20 -4.23
CA CYS B 243 -5.03 -7.96 -3.58
C CYS B 243 -5.25 -8.03 -2.08
N CYS B 244 -4.54 -7.18 -1.33
CA CYS B 244 -4.64 -7.11 0.13
C CYS B 244 -4.48 -5.67 0.58
N SER B 245 -4.65 -5.42 1.88
CA SER B 245 -4.58 -4.09 2.46
C SER B 245 -4.17 -4.14 3.92
N GLN B 246 -3.60 -3.04 4.43
CA GLN B 246 -3.15 -2.90 5.81
C GLN B 246 -3.45 -1.50 6.32
N VAL B 247 -3.19 -1.26 7.60
CA VAL B 247 -3.29 0.08 8.20
C VAL B 247 -2.09 0.28 9.12
N PHE B 248 -1.49 1.47 9.05
CA PHE B 248 -0.33 1.81 9.88
C PHE B 248 -0.55 3.14 10.59
N ASP B 249 0.19 3.34 11.66
CA ASP B 249 0.13 4.51 12.52
C ASP B 249 1.31 5.44 12.28
N PRO B 250 1.24 6.69 12.74
CA PRO B 250 2.41 7.57 12.61
C PRO B 250 3.64 7.03 13.31
N ASP B 251 3.48 6.24 14.37
CA ASP B 251 4.60 5.54 14.98
C ASP B 251 4.98 4.28 14.21
N GLY B 252 4.10 3.78 13.35
CA GLY B 252 4.45 2.72 12.42
C GLY B 252 4.37 1.30 12.93
N THR B 253 3.33 0.95 13.69
CA THR B 253 3.21 -0.42 14.17
C THR B 253 2.32 -1.28 13.26
N GLY B 254 1.05 -0.92 13.13
CA GLY B 254 0.14 -1.64 12.26
C GLY B 254 0.13 -3.15 12.40
N PHE B 255 -0.36 -3.66 13.54
CA PHE B 255 -0.20 -5.06 13.88
C PHE B 255 -1.19 -6.00 13.20
N GLU B 256 -2.19 -5.49 12.50
CA GLU B 256 -3.19 -6.34 11.87
C GLU B 256 -3.48 -5.89 10.45
N PHE B 257 -4.12 -6.76 9.69
CA PHE B 257 -4.56 -6.46 8.34
C PHE B 257 -5.79 -7.30 8.02
N VAL B 258 -6.57 -6.82 7.05
CA VAL B 258 -7.78 -7.51 6.63
C VAL B 258 -7.50 -8.27 5.33
N ALA B 259 -7.79 -9.57 5.33
CA ALA B 259 -7.61 -10.41 4.15
C ALA B 259 -8.99 -10.67 3.54
N TYR B 260 -9.43 -9.72 2.72
CA TYR B 260 -10.74 -9.76 2.12
C TYR B 260 -10.63 -10.20 0.66
N ASP B 261 -11.59 -11.01 0.22
CA ASP B 261 -11.63 -11.51 -1.15
C ASP B 261 -12.65 -10.69 -1.94
N THR B 262 -12.20 -10.17 -3.08
CA THR B 262 -13.01 -9.27 -3.90
C THR B 262 -14.30 -9.91 -4.41
N ARG B 263 -15.44 -9.42 -3.92
CA ARG B 263 -16.76 -9.87 -4.36
C ARG B 263 -16.94 -11.37 -4.22
N GLU B 264 -17.96 -11.91 -4.87
CA GLU B 264 -18.29 -13.33 -4.78
C GLU B 264 -17.33 -14.13 -5.66
N PHE B 265 -16.46 -14.91 -5.03
CA PHE B 265 -15.46 -15.70 -5.75
C PHE B 265 -16.07 -17.03 -6.22
N ILE B 266 -17.12 -16.91 -7.02
CA ILE B 266 -17.75 -18.07 -7.65
C ILE B 266 -17.63 -18.03 -9.16
N THR B 267 -18.04 -16.93 -9.78
CA THR B 267 -17.95 -16.77 -11.23
C THR B 267 -17.42 -15.39 -11.57
N ASP B 268 -16.34 -14.98 -10.91
CA ASP B 268 -15.74 -13.68 -11.16
C ASP B 268 -14.38 -13.80 -11.84
N ARG B 269 -13.41 -14.48 -11.22
CA ARG B 269 -12.10 -14.76 -11.79
C ARG B 269 -11.51 -13.52 -12.47
N LYS B 270 -11.24 -12.51 -11.66
CA LYS B 270 -10.83 -11.21 -12.19
C LYS B 270 -9.51 -11.31 -12.94
N GLY B 271 -9.40 -10.52 -14.02
CA GLY B 271 -8.26 -10.59 -14.90
C GLY B 271 -7.32 -9.40 -14.88
N ASN B 272 -7.72 -8.32 -14.22
CA ASN B 272 -6.89 -7.13 -14.07
C ASN B 272 -6.91 -6.69 -12.62
N PRO B 273 -5.85 -6.01 -12.16
CA PRO B 273 -5.77 -5.59 -10.75
C PRO B 273 -6.43 -4.25 -10.49
N TYR B 274 -7.72 -4.15 -10.79
CA TYR B 274 -8.45 -2.92 -10.60
C TYR B 274 -9.79 -3.22 -9.95
N LEU B 275 -9.97 -2.74 -8.73
CA LEU B 275 -11.21 -2.95 -8.00
C LEU B 275 -12.33 -2.07 -8.55
N SER B 276 -13.55 -2.57 -8.47
CA SER B 276 -14.71 -1.76 -8.81
C SER B 276 -15.03 -0.81 -7.65
N TYR B 277 -16.07 0.01 -7.82
CA TYR B 277 -16.44 0.95 -6.77
C TYR B 277 -16.83 0.23 -5.50
N GLN B 278 -17.68 -0.80 -5.61
CA GLN B 278 -18.16 -1.49 -4.42
C GLN B 278 -17.04 -2.25 -3.72
N GLU B 279 -16.15 -2.89 -4.48
CA GLU B 279 -15.08 -3.67 -3.86
C GLU B 279 -14.09 -2.78 -3.12
N MET B 280 -13.72 -1.65 -3.73
CA MET B 280 -12.84 -0.71 -3.05
C MET B 280 -13.52 -0.16 -1.80
N GLN B 281 -14.80 0.18 -1.91
CA GLN B 281 -15.53 0.69 -0.75
C GLN B 281 -15.57 -0.35 0.37
N SER B 282 -15.83 -1.61 0.04
CA SER B 282 -15.88 -2.65 1.05
C SER B 282 -14.53 -2.83 1.73
N VAL B 283 -13.45 -2.87 0.94
CA VAL B 283 -12.12 -3.06 1.51
C VAL B 283 -11.77 -1.91 2.45
N LEU B 284 -12.03 -0.68 2.02
CA LEU B 284 -11.66 0.47 2.85
C LEU B 284 -12.55 0.58 4.08
N SER B 285 -13.83 0.24 3.95
CA SER B 285 -14.72 0.24 5.12
C SER B 285 -14.27 -0.78 6.15
N LYS B 286 -13.89 -1.98 5.70
CA LYS B 286 -13.41 -2.99 6.65
C LYS B 286 -12.09 -2.56 7.28
N SER B 287 -11.20 -1.93 6.51
CA SER B 287 -9.94 -1.45 7.07
C SER B 287 -10.19 -0.40 8.14
N LEU B 288 -11.09 0.55 7.88
CA LEU B 288 -11.41 1.56 8.89
C LEU B 288 -12.05 0.92 10.11
N HIS B 289 -12.91 -0.09 9.91
CA HIS B 289 -13.49 -0.77 11.05
C HIS B 289 -12.42 -1.43 11.91
N LEU B 290 -11.45 -2.10 11.28
CA LEU B 290 -10.38 -2.73 12.04
C LEU B 290 -9.54 -1.71 12.79
N TYR B 291 -9.20 -0.58 12.13
CA TYR B 291 -8.43 0.45 12.80
C TYR B 291 -9.18 1.03 13.99
N GLN B 292 -10.48 1.27 13.83
CA GLN B 292 -11.28 1.79 14.94
C GLN B 292 -11.35 0.78 16.07
N SER B 293 -11.50 -0.50 15.74
CA SER B 293 -11.57 -1.54 16.77
C SER B 293 -10.26 -1.74 17.49
N SER B 294 -9.13 -1.39 16.86
CA SER B 294 -7.84 -1.56 17.52
C SER B 294 -7.42 -0.35 18.33
N HIS B 295 -8.03 0.82 18.11
CA HIS B 295 -7.61 2.06 18.75
C HIS B 295 -8.73 2.69 19.56
N ASN B 296 -9.62 1.85 20.11
CA ASN B 296 -10.70 2.29 20.99
C ASN B 296 -11.62 3.30 20.30
N GLY B 297 -12.01 2.97 19.07
CA GLY B 297 -12.98 3.77 18.34
C GLY B 297 -12.53 5.17 18.00
N ARG B 298 -11.26 5.36 17.65
CA ARG B 298 -10.73 6.67 17.31
C ARG B 298 -10.55 6.76 15.80
N MET B 299 -11.07 7.84 15.22
CA MET B 299 -11.06 8.04 13.78
C MET B 299 -9.95 9.00 13.39
N PRO B 300 -9.04 8.60 12.49
CA PRO B 300 -7.98 9.52 12.09
C PRO B 300 -8.51 10.70 11.30
N ARG B 301 -7.82 11.82 11.42
CA ARG B 301 -8.20 13.04 10.72
C ARG B 301 -7.72 13.08 9.29
N LYS B 302 -6.80 12.19 8.90
CA LYS B 302 -6.23 12.22 7.57
C LYS B 302 -5.79 10.81 7.20
N ILE B 303 -6.01 10.43 5.94
CA ILE B 303 -5.76 9.08 5.46
C ILE B 303 -4.86 9.15 4.23
N PHE B 304 -3.82 8.32 4.21
CA PHE B 304 -2.94 8.17 3.05
C PHE B 304 -3.14 6.76 2.48
N ILE B 305 -3.37 6.67 1.18
CA ILE B 305 -3.55 5.40 0.50
C ILE B 305 -2.53 5.31 -0.62
N HIS B 306 -1.71 4.26 -0.57
CA HIS B 306 -0.66 4.02 -1.55
C HIS B 306 -1.00 2.80 -2.40
N LYS B 307 -0.78 2.92 -3.70
CA LYS B 307 -1.03 1.81 -4.62
C LYS B 307 0.08 1.78 -5.66
N THR B 308 0.27 0.59 -6.25
CA THR B 308 1.27 0.41 -7.30
C THR B 308 0.74 0.78 -8.67
N THR B 309 -0.57 0.66 -8.90
CA THR B 309 -1.20 1.04 -10.14
C THR B 309 -2.02 2.32 -9.93
N HIS B 310 -2.50 2.88 -11.04
CA HIS B 310 -3.26 4.12 -10.96
C HIS B 310 -4.65 3.85 -10.38
N PHE B 311 -5.32 4.93 -9.99
CA PHE B 311 -6.66 4.89 -9.43
C PHE B 311 -7.66 5.19 -10.54
N THR B 312 -8.55 4.24 -10.81
CA THR B 312 -9.56 4.42 -11.84
C THR B 312 -10.69 5.30 -11.32
N GLU B 313 -11.71 5.50 -12.15
CA GLU B 313 -12.84 6.35 -11.76
C GLU B 313 -13.59 5.77 -10.58
N ASP B 314 -13.82 4.46 -10.58
CA ASP B 314 -14.58 3.83 -9.51
C ASP B 314 -13.79 3.85 -8.19
N GLU B 315 -12.48 3.67 -8.28
CA GLU B 315 -11.67 3.52 -7.07
C GLU B 315 -11.62 4.80 -6.25
N ILE B 316 -11.48 5.96 -6.91
CA ILE B 316 -11.43 7.22 -6.18
C ILE B 316 -12.75 7.47 -5.45
N GLN B 317 -13.87 7.24 -6.12
CA GLN B 317 -15.16 7.49 -5.50
C GLN B 317 -15.44 6.49 -4.38
N GLY B 318 -15.03 5.23 -4.56
CA GLY B 318 -15.17 4.28 -3.49
C GLY B 318 -14.31 4.62 -2.28
N ALA B 319 -13.13 5.19 -2.52
CA ALA B 319 -12.29 5.63 -1.42
C ALA B 319 -12.91 6.81 -0.69
N PHE B 320 -13.51 7.74 -1.43
CA PHE B 320 -14.11 8.91 -0.80
C PHE B 320 -15.41 8.59 -0.09
N ASP B 321 -16.02 7.43 -0.36
CA ASP B 321 -17.28 7.04 0.24
C ASP B 321 -17.11 6.00 1.34
N SER B 322 -15.90 5.81 1.84
CA SER B 322 -15.65 4.86 2.91
C SER B 322 -15.35 5.53 4.25
N PHE B 323 -14.93 6.79 4.25
CA PHE B 323 -14.63 7.53 5.46
C PHE B 323 -15.63 8.66 5.64
N SER B 324 -15.42 9.46 6.68
CA SER B 324 -16.35 10.54 6.99
C SER B 324 -16.27 11.65 5.94
N SER B 325 -17.12 12.66 6.10
CA SER B 325 -17.12 13.80 5.21
C SER B 325 -16.14 14.88 5.64
N SER B 326 -15.42 14.68 6.76
CA SER B 326 -14.48 15.67 7.25
C SER B 326 -13.08 15.10 7.43
N THR B 327 -12.79 13.94 6.83
CA THR B 327 -11.46 13.35 6.87
C THR B 327 -10.76 13.59 5.54
N GLU B 328 -9.56 14.17 5.60
CA GLU B 328 -8.81 14.49 4.40
C GLU B 328 -8.19 13.21 3.84
N ILE B 329 -8.42 12.94 2.56
CA ILE B 329 -7.95 11.73 1.90
C ILE B 329 -6.93 12.14 0.85
N GLU B 330 -5.78 11.46 0.86
CA GLU B 330 -4.73 11.66 -0.14
C GLU B 330 -4.37 10.32 -0.76
N LEU B 331 -4.63 10.17 -2.04
CA LEU B 331 -4.37 8.93 -2.77
C LEU B 331 -3.12 9.10 -3.61
N VAL B 332 -2.15 8.19 -3.41
CA VAL B 332 -0.84 8.28 -4.07
C VAL B 332 -0.56 6.97 -4.78
N GLN B 333 -0.01 7.06 -5.99
CA GLN B 333 0.49 5.92 -6.73
C GLN B 333 2.01 5.99 -6.77
N ILE B 334 2.67 4.87 -6.51
CA ILE B 334 4.13 4.80 -6.47
C ILE B 334 4.61 3.99 -7.66
N ILE B 335 5.49 4.59 -8.46
CA ILE B 335 6.04 3.95 -9.65
C ILE B 335 7.52 3.67 -9.39
N GLN B 336 7.92 2.41 -9.56
CA GLN B 336 9.28 2.00 -9.24
C GLN B 336 10.27 2.23 -10.37
N SER B 337 9.82 2.29 -11.61
CA SER B 337 10.69 2.48 -12.76
C SER B 337 10.61 3.92 -13.26
N THR B 338 11.76 4.49 -13.59
CA THR B 338 11.84 5.89 -13.97
C THR B 338 12.98 6.05 -14.98
N ASN B 339 12.91 7.12 -15.77
CA ASN B 339 13.96 7.47 -16.72
C ASN B 339 14.96 8.46 -16.15
N TRP B 340 14.76 8.95 -14.93
CA TRP B 340 15.66 9.92 -14.30
C TRP B 340 16.54 9.23 -13.28
N TYR B 341 17.79 9.67 -13.19
CA TYR B 341 18.56 9.17 -12.05
C TYR B 341 19.22 10.27 -11.23
N GLY B 342 19.71 11.34 -11.87
CA GLY B 342 20.20 12.48 -11.12
C GLY B 342 21.53 12.31 -10.43
N LEU B 343 22.33 13.39 -10.41
CA LEU B 343 23.66 13.38 -9.80
C LEU B 343 23.77 14.53 -8.81
N LYS B 344 24.73 14.40 -7.89
CA LYS B 344 24.95 15.38 -6.84
C LYS B 344 26.15 16.25 -7.18
N VAL B 345 25.99 17.57 -7.03
CA VAL B 345 27.04 18.53 -7.32
C VAL B 345 27.27 19.39 -6.09
N ASP B 346 28.48 19.37 -5.56
CA ASP B 346 28.79 20.13 -4.36
C ASP B 346 29.02 21.61 -4.70
N GLY B 347 28.71 22.47 -3.74
CA GLY B 347 28.87 23.89 -3.92
C GLY B 347 30.29 24.35 -3.70
N LYS B 348 30.50 25.66 -3.88
CA LYS B 348 31.82 26.25 -3.75
C LYS B 348 32.20 26.33 -2.27
N LYS B 349 33.12 25.49 -1.85
CA LYS B 349 33.64 25.51 -0.49
C LYS B 349 34.83 26.47 -0.43
N GLY B 350 35.56 26.45 0.69
CA GLY B 350 36.74 27.28 0.83
C GLY B 350 37.78 26.94 -0.21
N ASP B 351 38.16 27.94 -1.02
CA ASP B 351 39.11 27.80 -2.13
C ASP B 351 38.91 26.48 -2.87
N LYS B 352 37.65 26.22 -3.25
CA LYS B 352 37.29 25.01 -3.98
C LYS B 352 36.06 25.27 -4.83
N PRO B 353 36.18 25.22 -6.15
CA PRO B 353 35.01 25.50 -7.01
C PRO B 353 34.01 24.36 -6.98
N VAL B 354 32.87 24.58 -7.62
CA VAL B 354 31.86 23.55 -7.70
C VAL B 354 32.41 22.35 -8.47
N ALA B 355 32.05 21.15 -8.02
CA ALA B 355 32.53 19.92 -8.61
C ALA B 355 31.57 18.81 -8.24
N PRO B 356 31.53 17.73 -9.02
CA PRO B 356 30.69 16.59 -8.63
C PRO B 356 31.11 16.05 -7.27
N ALA B 357 30.13 15.82 -6.42
CA ALA B 357 30.42 15.31 -5.09
C ALA B 357 30.87 13.86 -5.16
N SER B 358 31.57 13.43 -4.10
CA SER B 358 32.07 12.06 -4.06
C SER B 358 30.93 11.07 -3.91
N TYR B 359 30.18 11.16 -2.82
CA TYR B 359 29.07 10.27 -2.57
C TYR B 359 27.81 10.77 -3.27
N PRO B 360 26.82 9.88 -3.50
CA PRO B 360 25.66 10.26 -4.32
C PRO B 360 24.70 11.22 -3.67
N VAL B 361 23.54 11.43 -4.31
CA VAL B 361 22.54 12.34 -3.78
C VAL B 361 22.00 11.84 -2.44
N ASP B 362 21.51 12.78 -1.64
CA ASP B 362 21.01 12.46 -0.31
C ASP B 362 19.74 11.62 -0.40
N ARG B 363 19.44 10.91 0.69
CA ARG B 363 18.38 9.91 0.66
C ARG B 363 17.01 10.54 0.58
N GLY B 364 16.78 11.63 1.31
CA GLY B 364 15.44 12.18 1.41
C GLY B 364 15.11 13.29 0.43
N LEU B 365 15.92 13.47 -0.60
CA LEU B 365 15.67 14.52 -1.58
C LEU B 365 14.41 14.21 -2.38
N TYR B 366 13.65 15.27 -2.69
CA TYR B 366 12.47 15.13 -3.54
C TYR B 366 12.37 16.33 -4.47
N GLN B 367 12.00 16.07 -5.72
CA GLN B 367 12.02 17.06 -6.79
C GLN B 367 10.65 17.15 -7.45
N PRO B 368 9.99 18.31 -7.44
CA PRO B 368 8.70 18.43 -8.14
C PRO B 368 8.89 18.52 -9.65
N LEU B 369 8.10 17.74 -10.39
CA LEU B 369 8.17 17.69 -11.84
C LEU B 369 6.93 18.24 -12.52
N THR B 370 5.76 18.05 -11.92
CA THR B 370 4.49 18.42 -12.54
C THR B 370 3.52 18.71 -11.41
N GLU B 371 2.45 19.45 -11.72
CA GLU B 371 1.46 19.87 -10.74
C GLU B 371 0.84 18.70 -9.99
N SER B 372 1.14 17.46 -10.41
CA SER B 372 0.68 16.28 -9.69
C SER B 372 1.74 15.19 -9.58
N GLU B 373 2.97 15.42 -10.01
CA GLU B 373 3.99 14.37 -10.02
C GLU B 373 5.28 14.86 -9.35
N CYS B 374 5.94 13.94 -8.65
CA CYS B 374 7.15 14.26 -7.91
C CYS B 374 8.11 13.07 -7.99
N LEU B 375 9.39 13.35 -7.79
CA LEU B 375 10.43 12.33 -7.73
C LEU B 375 10.94 12.25 -6.30
N LEU B 376 10.83 11.09 -5.69
CA LEU B 376 11.35 10.84 -4.35
C LEU B 376 12.48 9.82 -4.44
N TRP B 377 13.53 10.02 -3.66
CA TRP B 377 14.69 9.14 -3.80
C TRP B 377 14.60 7.89 -2.93
N THR B 378 14.47 8.06 -1.61
CA THR B 378 14.44 6.96 -0.66
C THR B 378 15.66 6.06 -0.77
N GLN B 379 16.71 6.51 -1.46
CA GLN B 379 17.90 5.71 -1.74
C GLN B 379 19.01 6.69 -2.03
N GLY B 380 20.11 6.60 -1.29
CA GLY B 380 21.23 7.48 -1.58
C GLY B 380 22.10 7.68 -0.35
N SER B 381 22.88 8.75 -0.39
CA SER B 381 23.82 9.06 0.66
C SER B 381 23.10 9.39 1.97
N VAL B 382 23.60 8.83 3.06
CA VAL B 382 23.05 9.05 4.40
C VAL B 382 24.18 9.47 5.32
N MET B 383 23.95 10.51 6.11
CA MET B 383 24.96 11.07 7.00
C MET B 383 24.70 10.65 8.45
N GLY B 384 25.78 10.55 9.22
CA GLY B 384 25.70 10.34 10.64
C GLY B 384 25.62 8.89 11.10
N VAL B 385 25.66 7.92 10.19
CA VAL B 385 25.54 6.51 10.56
C VAL B 385 26.81 5.72 10.31
N ASN B 386 27.86 6.35 9.78
CA ASN B 386 29.11 5.64 9.53
C ASN B 386 29.81 5.34 10.84
N GLN B 387 30.34 4.12 10.95
CA GLN B 387 30.96 3.66 12.20
C GLN B 387 32.45 4.00 12.24
N GLN B 388 33.22 3.54 11.26
CA GLN B 388 34.65 3.82 11.22
C GLN B 388 34.92 5.31 11.08
N ASN B 389 34.53 5.88 9.94
CA ASN B 389 34.72 7.31 9.73
C ASN B 389 33.58 8.09 10.38
N PRO B 390 33.87 9.23 10.99
CA PRO B 390 32.81 9.97 11.69
C PRO B 390 32.03 10.90 10.78
N GLY B 391 32.65 11.37 9.71
CA GLY B 391 32.03 12.35 8.84
C GLY B 391 32.02 11.96 7.38
N GLN B 392 31.83 10.66 7.11
CA GLN B 392 31.74 10.16 5.76
C GLN B 392 30.38 9.52 5.53
N PRO B 393 29.75 9.79 4.39
CA PRO B 393 28.39 9.27 4.15
C PRO B 393 28.40 7.76 3.95
N VAL B 394 27.19 7.19 3.94
CA VAL B 394 26.99 5.77 3.73
C VAL B 394 25.97 5.60 2.60
N PHE B 395 26.37 4.90 1.54
CA PHE B 395 25.47 4.47 0.48
C PHE B 395 25.32 2.96 0.61
N LYS B 396 24.11 2.51 0.94
CA LYS B 396 23.90 1.11 1.31
C LYS B 396 23.95 0.16 0.13
N GLU B 397 23.58 0.63 -1.06
CA GLU B 397 23.52 -0.20 -2.26
C GLU B 397 24.77 -0.06 -3.11
N ALA B 398 25.92 0.19 -2.48
CA ALA B 398 27.16 0.40 -3.22
C ALA B 398 27.69 -0.88 -3.84
N ALA B 399 27.32 -2.05 -3.33
CA ALA B 399 27.77 -3.33 -3.88
C ALA B 399 26.96 -3.78 -5.07
N LEU B 400 25.84 -3.13 -5.37
CA LEU B 400 24.99 -3.48 -6.49
C LEU B 400 24.96 -2.41 -7.56
N THR B 401 24.69 -1.16 -7.19
CA THR B 401 24.65 -0.06 -8.14
C THR B 401 25.59 1.06 -7.71
N PRO B 402 26.35 1.63 -8.63
CA PRO B 402 27.14 2.83 -8.29
C PRO B 402 26.27 4.01 -7.88
N LEU B 403 25.06 4.11 -8.42
CA LEU B 403 24.21 5.27 -8.21
C LEU B 403 22.83 4.85 -7.73
N PRO B 404 22.14 5.70 -6.98
CA PRO B 404 20.78 5.39 -6.55
C PRO B 404 19.76 5.78 -7.61
N ASN B 405 18.57 5.20 -7.48
CA ASN B 405 17.48 5.46 -8.41
C ASN B 405 16.26 5.98 -7.66
N PRO B 406 15.60 7.00 -8.18
CA PRO B 406 14.42 7.55 -7.50
C PRO B 406 13.17 6.75 -7.82
N ILE B 407 12.07 7.16 -7.19
CA ILE B 407 10.74 6.66 -7.49
C ILE B 407 9.86 7.84 -7.87
N MET B 408 8.66 7.54 -8.35
CA MET B 408 7.72 8.56 -8.81
C MET B 408 6.41 8.45 -8.03
N LEU B 409 5.80 9.60 -7.76
CA LEU B 409 4.54 9.69 -7.04
C LEU B 409 3.55 10.48 -7.89
N ARG B 410 2.33 9.96 -8.05
CA ARG B 410 1.36 10.59 -8.95
C ARG B 410 0.25 11.35 -8.24
N ARG B 411 -0.08 11.02 -6.99
CA ARG B 411 -0.91 11.90 -6.14
C ARG B 411 -2.26 12.20 -6.80
N PHE B 412 -3.10 11.17 -6.86
CA PHE B 412 -4.39 11.29 -7.52
C PHE B 412 -5.41 12.14 -6.75
N SER B 413 -5.15 12.51 -5.51
CA SER B 413 -6.10 13.28 -4.72
C SER B 413 -5.35 14.14 -3.72
N GLY B 414 -6.11 14.88 -2.91
CA GLY B 414 -5.55 15.75 -1.91
C GLY B 414 -5.32 17.16 -2.42
N ASN B 415 -5.05 18.06 -1.48
CA ASN B 415 -4.80 19.45 -1.79
C ASN B 415 -3.59 20.02 -1.08
N GLY B 416 -2.98 19.29 -0.15
CA GLY B 416 -1.83 19.77 0.59
C GLY B 416 -0.57 19.85 -0.24
N GLY B 417 0.59 19.81 0.42
CA GLY B 417 1.87 19.90 -0.24
C GLY B 417 2.56 18.56 -0.36
N TRP B 418 3.73 18.61 -1.00
CA TRP B 418 4.54 17.41 -1.19
C TRP B 418 5.33 17.02 0.04
N HIS B 419 5.58 17.97 0.95
CA HIS B 419 6.42 17.68 2.11
C HIS B 419 5.82 16.60 2.98
N ALA B 420 4.52 16.70 3.25
CA ALA B 420 3.86 15.72 4.11
C ALA B 420 3.91 14.32 3.50
N THR B 421 3.64 14.23 2.20
CA THR B 421 3.65 12.94 1.51
C THR B 421 5.04 12.31 1.55
N CYS B 422 6.05 13.10 1.18
CA CYS B 422 7.41 12.57 1.14
C CYS B 422 7.90 12.19 2.53
N SER B 423 7.57 13.01 3.54
CA SER B 423 7.97 12.69 4.91
C SER B 423 7.32 11.40 5.38
N SER B 424 6.02 11.22 5.10
CA SER B 424 5.35 10.00 5.50
C SER B 424 5.96 8.78 4.83
N ILE B 425 6.25 8.87 3.54
CA ILE B 425 6.82 7.73 2.82
C ILE B 425 8.22 7.41 3.35
N LEU B 426 9.05 8.43 3.54
CA LEU B 426 10.40 8.20 4.02
C LEU B 426 10.41 7.61 5.43
N ALA B 427 9.50 8.08 6.29
CA ALA B 427 9.40 7.49 7.62
C ALA B 427 8.93 6.04 7.56
N LEU B 428 7.95 5.74 6.70
CA LEU B 428 7.46 4.37 6.59
C LEU B 428 8.50 3.43 5.99
N THR B 429 9.48 3.96 5.28
CA THR B 429 10.53 3.12 4.72
C THR B 429 11.34 2.40 5.80
N LYS B 430 11.47 2.99 6.99
CA LYS B 430 12.46 2.58 7.98
C LYS B 430 11.93 1.68 9.09
N VAL B 431 10.74 1.09 8.94
CA VAL B 431 10.16 0.34 10.04
C VAL B 431 9.88 -1.12 9.68
N ASP B 432 10.71 -1.70 8.82
CA ASP B 432 10.59 -3.11 8.48
C ASP B 432 11.54 -3.91 9.36
N TRP B 433 10.97 -4.69 10.28
CA TRP B 433 11.78 -5.47 11.22
C TRP B 433 12.31 -6.77 10.61
N ASN B 434 11.78 -7.18 9.47
CA ASN B 434 12.33 -8.32 8.74
C ASN B 434 13.58 -7.97 7.94
N ASN B 435 13.86 -6.67 7.76
CA ASN B 435 14.98 -6.20 6.99
C ASN B 435 16.07 -5.70 7.94
N ASN B 436 17.29 -6.19 7.75
CA ASN B 436 18.40 -5.87 8.63
C ASN B 436 19.31 -4.78 8.10
N THR B 437 18.94 -4.12 7.00
CA THR B 437 19.70 -3.01 6.47
C THR B 437 19.15 -1.71 7.05
N LEU B 438 19.60 -0.57 6.53
CA LEU B 438 19.19 0.72 7.08
C LEU B 438 17.78 1.12 6.66
N TYR B 439 17.38 0.79 5.44
CA TYR B 439 16.07 1.20 4.94
C TYR B 439 15.66 0.26 3.81
N LYS B 440 14.62 0.62 3.08
CA LYS B 440 14.10 -0.13 1.95
C LYS B 440 13.85 0.80 0.79
N LYS B 441 13.58 0.22 -0.38
CA LYS B 441 13.28 1.03 -1.55
C LYS B 441 11.85 1.58 -1.51
N LEU B 442 10.92 0.82 -0.94
CA LEU B 442 9.50 1.16 -0.92
C LEU B 442 9.00 1.25 0.51
N PRO B 443 7.91 1.99 0.75
CA PRO B 443 7.34 2.03 2.10
C PRO B 443 6.82 0.67 2.53
N VAL B 444 6.70 0.50 3.85
CA VAL B 444 6.28 -0.79 4.40
C VAL B 444 4.86 -1.16 4.00
N THR B 445 4.04 -0.19 3.63
CA THR B 445 2.67 -0.49 3.21
C THR B 445 2.66 -1.34 1.95
N LEU B 446 3.40 -0.92 0.92
CA LEU B 446 3.46 -1.70 -0.32
C LEU B 446 4.14 -3.04 -0.11
N VAL B 447 5.22 -3.07 0.68
CA VAL B 447 5.93 -4.32 0.94
C VAL B 447 5.01 -5.33 1.60
N TYR B 448 4.27 -4.89 2.63
CA TYR B 448 3.42 -5.81 3.36
C TYR B 448 2.20 -6.22 2.55
N SER B 449 1.65 -5.32 1.75
CA SER B 449 0.56 -5.71 0.87
C SER B 449 1.02 -6.75 -0.13
N GLN B 450 2.22 -6.59 -0.69
CA GLN B 450 2.74 -7.58 -1.63
C GLN B 450 2.94 -8.93 -0.95
N VAL B 451 3.53 -8.96 0.24
CA VAL B 451 3.79 -10.25 0.87
C VAL B 451 2.50 -10.92 1.30
N PHE B 452 1.53 -10.13 1.78
CA PHE B 452 0.23 -10.71 2.15
C PHE B 452 -0.49 -11.26 0.92
N ALA B 453 -0.42 -10.55 -0.21
CA ALA B 453 -1.02 -11.05 -1.44
C ALA B 453 -0.34 -12.34 -1.89
N ASP B 454 0.99 -12.39 -1.78
CA ASP B 454 1.73 -13.59 -2.18
C ASP B 454 1.33 -14.79 -1.33
N VAL B 455 1.13 -14.58 -0.02
CA VAL B 455 0.70 -15.67 0.83
C VAL B 455 -0.74 -16.07 0.54
N VAL B 456 -1.63 -15.09 0.35
CA VAL B 456 -3.05 -15.37 0.16
C VAL B 456 -3.31 -16.04 -1.18
N LYS B 457 -2.45 -15.80 -2.17
CA LYS B 457 -2.64 -16.39 -3.49
C LYS B 457 -2.67 -17.91 -3.42
N GLN B 458 -1.80 -18.51 -2.63
CA GLN B 458 -1.72 -19.97 -2.51
C GLN B 458 -2.73 -20.48 -1.48
N THR B 459 -4.01 -20.37 -1.83
CA THR B 459 -5.08 -20.83 -0.95
C THR B 459 -6.31 -21.21 -1.77
N PRO B 460 -6.84 -22.42 -1.58
CA PRO B 460 -8.00 -22.85 -2.38
C PRO B 460 -9.30 -22.15 -2.01
N GLU B 461 -9.47 -21.74 -0.76
CA GLU B 461 -10.75 -21.20 -0.28
C GLU B 461 -10.66 -19.68 -0.14
N ILE B 462 -11.77 -19.10 0.33
CA ILE B 462 -11.92 -17.64 0.32
C ILE B 462 -10.98 -17.00 1.33
N VAL B 463 -11.03 -17.46 2.58
CA VAL B 463 -10.29 -16.86 3.69
C VAL B 463 -10.62 -15.38 3.79
N ASN B 464 -11.78 -15.06 4.34
CA ASN B 464 -12.16 -13.67 4.66
C ASN B 464 -11.99 -13.50 6.17
N GLU B 465 -10.77 -13.18 6.58
CA GLU B 465 -10.43 -13.09 7.99
C GLU B 465 -9.40 -12.00 8.19
N ILE B 466 -9.14 -11.68 9.46
CA ILE B 466 -8.15 -10.67 9.84
C ILE B 466 -7.01 -11.39 10.56
N TYR B 467 -5.83 -11.34 9.98
CA TYR B 467 -4.67 -12.06 10.50
C TYR B 467 -3.74 -11.10 11.24
N ASP B 468 -2.58 -11.60 11.65
CA ASP B 468 -1.65 -10.89 12.50
C ASP B 468 -0.39 -10.49 11.73
N TYR B 469 0.34 -9.54 12.32
CA TYR B 469 1.59 -9.06 11.76
C TYR B 469 2.63 -10.18 11.63
N ARG B 470 3.06 -10.73 12.77
CA ARG B 470 4.23 -11.59 12.83
C ARG B 470 4.04 -12.94 12.14
N PHE B 471 2.80 -13.28 11.77
CA PHE B 471 2.53 -14.62 11.24
C PHE B 471 3.02 -14.79 9.80
N PHE B 472 3.30 -13.69 9.11
CA PHE B 472 3.82 -13.73 7.75
C PHE B 472 5.18 -13.08 7.60
N MET B 473 5.61 -12.26 8.56
CA MET B 473 6.92 -11.63 8.52
C MET B 473 8.03 -12.68 8.66
PA NAD E . -21.92 -2.18 21.68
O1A NAD E . -20.59 -1.49 21.71
O2A NAD E . -21.83 -3.51 22.39
O5B NAD E . -22.37 -2.44 20.11
C5B NAD E . -21.37 -2.81 19.21
C4B NAD E . -21.94 -3.83 18.27
O4B NAD E . -21.97 -3.19 16.71
C3B NAD E . -21.19 -4.86 18.23
O3B NAD E . -21.99 -6.07 17.93
C2B NAD E . -20.20 -4.58 17.03
O2B NAD E . -19.77 -5.71 16.53
C1B NAD E . -21.10 -3.83 16.01
N9A NAD E . -20.30 -2.88 15.19
C8A NAD E . -19.19 -2.30 15.56
N7A NAD E . -18.75 -1.51 14.58
C5A NAD E . -19.61 -1.61 13.54
C6A NAD E . -19.71 -1.04 12.26
N6A NAD E . -18.69 -0.11 11.79
N1A NAD E . -20.72 -1.36 11.48
C2A NAD E . -21.65 -2.20 11.89
N3A NAD E . -21.61 -2.75 13.09
C4A NAD E . -20.60 -2.47 13.93
O3 NAD E . -23.05 -1.25 22.42
PN NAD E . -24.65 -1.30 22.06
O1N NAD E . -25.17 -2.70 22.27
O2N NAD E . -24.85 -0.89 20.63
O5D NAD E . -25.47 -0.24 23.04
C5D NAD E . -25.44 -0.45 24.44
C4D NAD E . -25.27 0.89 25.13
O4D NAD E . -24.26 1.50 24.66
C3D NAD E . -26.57 1.87 24.81
O3D NAD E . -27.49 1.84 25.95
C2D NAD E . -26.14 3.02 24.64
O2D NAD E . -26.79 3.95 25.63
C1D NAD E . -24.58 2.95 24.90
N1N NAD E . -23.85 3.76 24.08
C2N NAD E . -24.45 4.56 23.21
C3N NAD E . -23.71 5.39 22.36
C7N NAD E . -24.40 6.31 21.32
O7N NAD E . -25.45 6.78 21.59
N7N NAD E . -23.75 6.62 20.05
C4N NAD E . -22.32 5.36 22.45
C5N NAD E . -21.72 4.51 23.38
C6N NAD E . -22.53 3.72 24.19
#